data_3A29
#
_entry.id   3A29
#
_cell.length_a   67.289
_cell.length_b   82.851
_cell.length_c   277.253
_cell.angle_alpha   90.00
_cell.angle_beta   90.00
_cell.angle_gamma   90.00
#
_symmetry.space_group_name_H-M   'P 21 21 21'
#
loop_
_entity.id
_entity.type
_entity.pdbx_description
1 polymer 'Fructose-1,6-bisphosphatase 1'
2 non-polymer '2-amino-4,5-dihydronaphtho[1,2-d][1,3]thiazol-8-yl dihydrogen phosphate'
3 water water
#
_entity_poly.entity_id   1
_entity_poly.type   'polypeptide(L)'
_entity_poly.pdbx_seq_one_letter_code
;ADQAPFDTDVNTLTRFVMEEGRKARGTGELTQLLNSLCTAVKAISSAVRKAGIAHLYGIAGSTNVTGDQVKKLDVLSNDL
VMNMLKSSFATCVLVSEEDKHAIIVEPEKRGKYVVCFDPLDGSSNIDCLVSVGTIFGIYRKKSTDEPSEKDALQPGRNLV
AAGYALYGSATMLVLAMDCGVNCFMLDPAIGEFILVDKDVKIKKKGKIYSLNEGYAKDFDPAVTEYIQRKKFPPDNSAPY
GARYVGSMVADVHRTLVYGGIFLYPANKKSPNGKLRLLYECNPMAYVMEKAGGMATTGKEAVLDVIPTDIHQRAPVILGS
PDDVLEFLKVYEKHSAQ
;
_entity_poly.pdbx_strand_id   A,B,C,D
#
# COMPACT_ATOMS: atom_id res chain seq x y z
N ASP A 9 14.08 -16.61 -14.20
CA ASP A 9 12.90 -17.10 -13.42
C ASP A 9 12.80 -16.39 -12.07
N VAL A 10 11.70 -15.66 -11.88
CA VAL A 10 11.46 -14.93 -10.64
C VAL A 10 11.40 -15.90 -9.46
N ASN A 11 11.87 -15.44 -8.30
CA ASN A 11 11.85 -16.27 -7.12
C ASN A 11 11.42 -15.41 -5.93
N THR A 12 10.61 -15.99 -5.05
CA THR A 12 10.15 -15.27 -3.88
C THR A 12 10.65 -15.99 -2.63
N LEU A 13 10.61 -15.32 -1.48
CA LEU A 13 11.06 -15.92 -0.24
C LEU A 13 10.32 -17.22 0.02
N THR A 14 9.00 -17.17 -0.14
CA THR A 14 8.15 -18.33 0.09
C THR A 14 8.55 -19.53 -0.77
N ARG A 15 8.71 -19.30 -2.07
CA ARG A 15 9.09 -20.37 -2.98
C ARG A 15 10.46 -20.92 -2.64
N PHE A 16 11.40 -20.01 -2.38
CA PHE A 16 12.77 -20.38 -2.02
C PHE A 16 12.80 -21.26 -0.78
N VAL A 17 12.11 -20.81 0.27
CA VAL A 17 12.07 -21.55 1.52
C VAL A 17 11.44 -22.93 1.37
N MET A 18 10.33 -22.99 0.66
CA MET A 18 9.63 -24.26 0.45
C MET A 18 10.53 -25.25 -0.29
N GLU A 19 11.26 -24.74 -1.27
CA GLU A 19 12.15 -25.60 -2.04
C GLU A 19 13.29 -26.16 -1.19
N GLU A 20 13.94 -25.31 -0.40
CA GLU A 20 15.02 -25.78 0.46
C GLU A 20 14.47 -26.77 1.48
N GLY A 21 13.27 -26.51 1.98
CA GLY A 21 12.66 -27.41 2.93
C GLY A 21 12.37 -28.74 2.29
N ARG A 22 11.88 -28.71 1.04
CA ARG A 22 11.58 -29.94 0.33
C ARG A 22 12.85 -30.77 0.15
N LYS A 23 13.97 -30.10 -0.10
CA LYS A 23 15.25 -30.78 -0.27
C LYS A 23 15.72 -31.46 1.02
N ALA A 24 15.57 -30.75 2.15
CA ALA A 24 16.00 -31.28 3.43
C ALA A 24 15.30 -32.59 3.76
N ARG A 25 14.14 -32.81 3.15
CA ARG A 25 13.36 -34.04 3.37
C ARG A 25 13.05 -34.29 4.84
N GLY A 26 12.55 -33.27 5.51
CA GLY A 26 12.20 -33.38 6.92
C GLY A 26 10.71 -33.28 7.14
N THR A 27 10.30 -32.76 8.29
CA THR A 27 8.88 -32.64 8.62
C THR A 27 8.24 -31.41 7.99
N GLY A 28 9.06 -30.42 7.61
CA GLY A 28 8.53 -29.21 7.01
C GLY A 28 8.30 -28.13 8.06
N GLU A 29 8.74 -28.43 9.28
CA GLU A 29 8.58 -27.52 10.40
C GLU A 29 9.32 -26.20 10.21
N LEU A 30 10.60 -26.28 9.87
CA LEU A 30 11.38 -25.05 9.68
C LEU A 30 10.76 -24.17 8.61
N THR A 31 10.15 -24.80 7.61
CA THR A 31 9.50 -24.07 6.53
C THR A 31 8.38 -23.21 7.13
N GLN A 32 7.58 -23.82 8.01
CA GLN A 32 6.48 -23.12 8.67
C GLN A 32 7.00 -22.01 9.54
N LEU A 33 8.12 -22.27 10.21
CA LEU A 33 8.73 -21.28 11.09
C LEU A 33 9.15 -20.08 10.26
N LEU A 34 9.89 -20.34 9.18
CA LEU A 34 10.35 -19.25 8.32
C LEU A 34 9.19 -18.48 7.69
N ASN A 35 8.15 -19.20 7.27
CA ASN A 35 6.98 -18.56 6.67
C ASN A 35 6.40 -17.58 7.67
N SER A 36 6.22 -18.06 8.89
CA SER A 36 5.65 -17.25 9.96
C SER A 36 6.49 -16.01 10.26
N LEU A 37 7.81 -16.21 10.25
CA LEU A 37 8.73 -15.13 10.52
C LEU A 37 8.61 -14.08 9.42
N CYS A 38 8.53 -14.56 8.18
CA CYS A 38 8.41 -13.68 7.02
C CYS A 38 7.17 -12.80 7.15
N THR A 39 6.06 -13.41 7.54
CA THR A 39 4.80 -12.70 7.72
C THR A 39 4.96 -11.64 8.81
N ALA A 40 5.57 -12.02 9.92
CA ALA A 40 5.77 -11.07 11.01
C ALA A 40 6.62 -9.89 10.52
N VAL A 41 7.66 -10.18 9.76
CA VAL A 41 8.53 -9.12 9.25
C VAL A 41 7.76 -8.12 8.38
N LYS A 42 6.85 -8.60 7.55
CA LYS A 42 6.07 -7.70 6.71
C LYS A 42 5.16 -6.84 7.58
N ALA A 43 4.62 -7.43 8.65
CA ALA A 43 3.73 -6.69 9.53
C ALA A 43 4.53 -5.62 10.25
N ILE A 44 5.75 -5.95 10.67
CA ILE A 44 6.61 -4.98 11.34
C ILE A 44 6.92 -3.85 10.38
N SER A 45 7.28 -4.20 9.14
CA SER A 45 7.60 -3.22 8.11
C SER A 45 6.45 -2.24 7.94
N SER A 46 5.24 -2.78 7.78
CA SER A 46 4.06 -1.94 7.62
C SER A 46 3.94 -0.93 8.75
N ALA A 47 4.11 -1.39 9.98
CA ALA A 47 4.01 -0.51 11.15
C ALA A 47 5.15 0.50 11.21
N VAL A 48 6.37 0.05 10.88
CA VAL A 48 7.52 0.95 10.90
C VAL A 48 7.36 2.10 9.90
N ARG A 49 6.78 1.82 8.73
CA ARG A 49 6.57 2.86 7.74
C ARG A 49 5.38 3.75 8.11
N LYS A 50 4.84 3.52 9.30
CA LYS A 50 3.74 4.32 9.85
C LYS A 50 2.36 4.22 9.18
N ALA A 51 2.01 3.02 8.73
CA ALA A 51 0.72 2.80 8.11
C ALA A 51 -0.35 3.06 9.17
N GLY A 52 -1.36 3.83 8.81
CA GLY A 52 -2.43 4.10 9.75
C GLY A 52 -2.15 5.14 10.81
N ILE A 53 -1.00 5.81 10.74
CA ILE A 53 -0.66 6.83 11.73
C ILE A 53 -1.71 7.95 11.77
N ALA A 54 -2.40 8.15 10.65
CA ALA A 54 -3.43 9.18 10.57
C ALA A 54 -4.51 8.96 11.62
N HIS A 55 -4.84 7.70 11.88
CA HIS A 55 -5.85 7.37 12.89
C HIS A 55 -5.34 7.75 14.26
N LEU A 56 -4.04 7.62 14.48
CA LEU A 56 -3.47 7.96 15.77
C LEU A 56 -3.55 9.47 16.01
N TYR A 57 -3.54 10.25 14.93
CA TYR A 57 -3.63 11.70 15.04
C TYR A 57 -5.04 12.28 14.87
N GLY A 58 -6.04 11.41 15.03
CA GLY A 58 -7.43 11.83 14.96
C GLY A 58 -8.12 12.04 13.63
N ILE A 59 -7.68 11.39 12.56
CA ILE A 59 -8.35 11.59 11.29
C ILE A 59 -9.84 11.21 11.40
N ALA A 60 -10.15 10.21 12.22
CA ALA A 60 -11.54 9.77 12.39
C ALA A 60 -12.13 10.27 13.71
N GLY A 61 -11.51 11.28 14.31
CA GLY A 61 -11.99 11.84 15.56
C GLY A 61 -11.29 11.23 16.76
N VAL A 70 -1.72 1.69 19.28
CA VAL A 70 -1.17 2.76 20.10
C VAL A 70 0.03 2.33 20.94
N LYS A 71 0.37 1.04 20.88
CA LYS A 71 1.51 0.53 21.64
C LYS A 71 2.82 0.92 20.95
N LYS A 72 3.92 0.91 21.71
CA LYS A 72 5.21 1.26 21.16
C LYS A 72 5.62 0.26 20.09
N LEU A 73 6.39 0.74 19.11
CA LEU A 73 6.82 -0.07 17.99
C LEU A 73 7.65 -1.29 18.37
N ASP A 74 8.50 -1.16 19.38
CA ASP A 74 9.30 -2.31 19.78
C ASP A 74 8.43 -3.37 20.46
N VAL A 75 7.45 -2.94 21.23
CA VAL A 75 6.53 -3.83 21.92
C VAL A 75 5.71 -4.59 20.86
N LEU A 76 5.18 -3.83 19.90
CA LEU A 76 4.38 -4.42 18.85
C LEU A 76 5.20 -5.40 18.03
N SER A 77 6.43 -5.02 17.69
CA SER A 77 7.32 -5.89 16.90
C SER A 77 7.53 -7.21 17.62
N ASN A 78 7.77 -7.11 18.92
CA ASN A 78 8.03 -8.28 19.75
C ASN A 78 6.79 -9.18 19.76
N ASP A 79 5.62 -8.56 19.90
CA ASP A 79 4.38 -9.32 19.92
C ASP A 79 4.17 -10.06 18.60
N LEU A 80 4.42 -9.39 17.49
CA LEU A 80 4.27 -9.99 16.17
C LEU A 80 5.17 -11.22 16.03
N VAL A 81 6.47 -11.07 16.26
CA VAL A 81 7.38 -12.21 16.15
C VAL A 81 6.97 -13.32 17.11
N MET A 82 6.77 -12.95 18.37
CA MET A 82 6.35 -13.92 19.41
C MET A 82 5.13 -14.72 18.99
N ASN A 83 4.09 -14.01 18.60
CA ASN A 83 2.84 -14.65 18.21
C ASN A 83 2.96 -15.51 16.95
N MET A 84 3.67 -15.01 15.94
CA MET A 84 3.83 -15.77 14.71
C MET A 84 4.65 -17.04 14.91
N LEU A 85 5.73 -16.95 15.68
CA LEU A 85 6.55 -18.12 15.94
C LEU A 85 5.78 -19.16 16.75
N LYS A 86 5.15 -18.72 17.84
CA LYS A 86 4.38 -19.64 18.66
C LYS A 86 3.36 -20.39 17.83
N SER A 87 2.58 -19.65 17.04
CA SER A 87 1.53 -20.26 16.23
C SER A 87 2.05 -21.05 15.02
N SER A 88 3.37 -21.11 14.84
CA SER A 88 3.95 -21.87 13.74
C SER A 88 4.03 -23.34 14.14
N PHE A 89 3.96 -23.60 15.45
CA PHE A 89 4.03 -24.95 15.99
C PHE A 89 5.42 -25.55 15.76
N ALA A 90 6.38 -24.70 15.46
CA ALA A 90 7.76 -25.14 15.18
C ALA A 90 8.80 -24.74 16.23
N THR A 91 8.38 -24.04 17.28
CA THR A 91 9.32 -23.58 18.28
C THR A 91 8.98 -24.06 19.68
N CYS A 92 9.98 -24.06 20.58
CA CYS A 92 9.75 -24.50 21.95
C CYS A 92 10.32 -23.50 22.96
N VAL A 93 11.37 -22.80 22.55
CA VAL A 93 12.02 -21.79 23.39
C VAL A 93 12.31 -20.54 22.56
N LEU A 94 11.88 -19.38 23.06
CA LEU A 94 12.09 -18.13 22.34
C LEU A 94 12.78 -17.07 23.21
N VAL A 95 13.91 -16.56 22.72
CA VAL A 95 14.63 -15.53 23.44
C VAL A 95 14.58 -14.24 22.64
N SER A 96 14.14 -13.17 23.31
CA SER A 96 14.03 -11.85 22.71
C SER A 96 14.65 -10.82 23.65
N GLU A 97 15.11 -9.69 23.15
CA GLU A 97 15.65 -8.75 24.13
C GLU A 97 14.58 -8.29 25.13
N GLU A 98 13.33 -8.21 24.69
CA GLU A 98 12.22 -7.75 25.52
C GLU A 98 11.97 -8.49 26.83
N ASP A 99 12.01 -9.81 26.80
CA ASP A 99 11.74 -10.54 28.03
C ASP A 99 13.00 -11.07 28.71
N LYS A 100 13.11 -10.68 29.97
CA LYS A 100 14.20 -11.08 30.83
C LYS A 100 14.44 -12.59 30.78
N HIS A 101 13.36 -13.35 30.73
CA HIS A 101 13.44 -14.81 30.70
C HIS A 101 13.08 -15.36 29.33
N ALA A 102 13.60 -16.54 29.04
CA ALA A 102 13.30 -17.20 27.78
C ALA A 102 11.84 -17.62 27.86
N ILE A 103 11.10 -17.51 26.75
CA ILE A 103 9.71 -17.95 26.79
C ILE A 103 9.66 -19.39 26.37
N ILE A 104 8.93 -20.19 27.14
CA ILE A 104 8.77 -21.61 26.84
C ILE A 104 7.38 -21.76 26.20
N VAL A 105 7.37 -22.21 24.96
CA VAL A 105 6.13 -22.40 24.21
C VAL A 105 5.29 -23.46 24.90
N GLU A 106 3.99 -23.20 25.02
CA GLU A 106 3.09 -24.16 25.65
C GLU A 106 3.20 -25.50 24.91
N PRO A 107 3.10 -26.61 25.67
CA PRO A 107 3.20 -27.96 25.11
C PRO A 107 2.49 -28.25 23.78
N GLU A 108 1.23 -27.82 23.66
CA GLU A 108 0.47 -28.10 22.44
C GLU A 108 0.91 -27.35 21.19
N LYS A 109 1.87 -26.45 21.33
CA LYS A 109 2.36 -25.69 20.19
C LYS A 109 3.85 -25.86 20.00
N ARG A 110 4.45 -26.78 20.75
CA ARG A 110 5.89 -26.99 20.67
C ARG A 110 6.42 -27.64 19.41
N GLY A 111 7.50 -27.06 18.91
CA GLY A 111 8.17 -27.55 17.73
C GLY A 111 9.60 -27.82 18.18
N LYS A 112 10.46 -28.26 17.27
CA LYS A 112 11.83 -28.58 17.65
C LYS A 112 12.85 -27.45 17.53
N TYR A 113 12.41 -26.25 17.17
CA TYR A 113 13.37 -25.15 17.01
C TYR A 113 13.39 -24.13 18.14
N VAL A 114 14.57 -23.53 18.32
CA VAL A 114 14.83 -22.52 19.32
C VAL A 114 15.14 -21.26 18.54
N VAL A 115 14.48 -20.15 18.89
CA VAL A 115 14.72 -18.92 18.17
C VAL A 115 15.13 -17.77 19.09
N CYS A 116 16.24 -17.12 18.75
CA CYS A 116 16.73 -15.98 19.51
C CYS A 116 16.58 -14.82 18.56
N PHE A 117 15.99 -13.73 19.01
CA PHE A 117 15.82 -12.60 18.12
C PHE A 117 15.69 -11.25 18.82
N ASP A 118 15.91 -10.19 18.05
CA ASP A 118 15.76 -8.82 18.52
C ASP A 118 14.63 -8.33 17.61
N PRO A 119 13.42 -8.22 18.15
CA PRO A 119 12.24 -7.77 17.39
C PRO A 119 12.42 -6.48 16.62
N LEU A 120 13.02 -5.47 17.26
CA LEU A 120 13.23 -4.21 16.56
C LEU A 120 14.53 -3.56 17.03
N ASP A 121 15.62 -3.97 16.39
CA ASP A 121 16.94 -3.45 16.73
C ASP A 121 17.09 -2.00 16.32
N GLY A 122 17.66 -1.22 17.24
CA GLY A 122 17.86 0.19 17.00
C GLY A 122 16.62 1.02 17.32
N SER A 123 15.64 0.41 17.98
CA SER A 123 14.41 1.12 18.33
C SER A 123 14.64 2.19 19.41
N SER A 124 15.79 2.13 20.07
CA SER A 124 16.12 3.11 21.12
C SER A 124 16.13 4.50 20.48
N ASN A 125 16.28 4.49 19.15
CA ASN A 125 16.33 5.72 18.37
C ASN A 125 15.52 5.56 17.06
N ILE A 126 14.20 5.52 17.16
CA ILE A 126 13.35 5.38 15.98
C ILE A 126 12.59 6.68 15.67
N ASP A 127 12.77 7.68 16.54
CA ASP A 127 12.13 8.97 16.38
C ASP A 127 12.78 9.80 15.28
N CYS A 128 14.06 9.54 15.03
CA CYS A 128 14.77 10.28 14.00
C CYS A 128 14.64 9.59 12.64
N LEU A 129 13.78 8.58 12.58
CA LEU A 129 13.53 7.83 11.36
C LEU A 129 14.76 7.09 10.84
N VAL A 130 15.68 6.77 11.74
CA VAL A 130 16.88 6.05 11.35
C VAL A 130 16.47 4.61 11.03
N SER A 131 17.27 3.94 10.22
CA SER A 131 16.95 2.56 9.85
C SER A 131 16.85 1.67 11.09
N VAL A 132 15.93 0.71 11.04
CA VAL A 132 15.76 -0.23 12.13
C VAL A 132 15.62 -1.60 11.47
N GLY A 133 15.68 -2.65 12.28
CA GLY A 133 15.57 -3.98 11.71
C GLY A 133 15.20 -5.07 12.69
N THR A 134 15.13 -6.29 12.19
CA THR A 134 14.82 -7.43 13.02
C THR A 134 15.97 -8.41 12.79
N ILE A 135 16.52 -8.92 13.88
CA ILE A 135 17.64 -9.87 13.81
C ILE A 135 17.13 -11.18 14.37
N PHE A 136 17.56 -12.30 13.80
CA PHE A 136 17.11 -13.57 14.29
C PHE A 136 18.10 -14.70 14.07
N GLY A 137 18.05 -15.67 14.98
CA GLY A 137 18.94 -16.82 14.90
C GLY A 137 18.12 -18.04 15.26
N ILE A 138 18.23 -19.07 14.43
CA ILE A 138 17.46 -20.28 14.66
C ILE A 138 18.32 -21.50 14.98
N TYR A 139 17.96 -22.17 16.07
CA TYR A 139 18.67 -23.35 16.53
C TYR A 139 17.70 -24.52 16.61
N ARG A 140 18.22 -25.73 16.60
CA ARG A 140 17.37 -26.90 16.76
C ARG A 140 17.56 -27.32 18.22
N LYS A 141 16.46 -27.61 18.92
CA LYS A 141 16.59 -28.02 20.31
C LYS A 141 17.44 -29.28 20.29
N LYS A 142 18.60 -29.25 20.95
CA LYS A 142 19.50 -30.41 20.96
C LYS A 142 19.38 -31.27 22.21
N SER A 143 18.40 -30.94 23.05
CA SER A 143 18.19 -31.66 24.30
C SER A 143 17.04 -32.67 24.21
N THR A 144 16.91 -33.49 25.25
CA THR A 144 15.85 -34.50 25.32
C THR A 144 14.91 -34.15 26.49
N ASP A 145 15.37 -33.21 27.32
CA ASP A 145 14.64 -32.75 28.51
C ASP A 145 13.48 -31.81 28.20
N GLU A 146 12.94 -31.20 29.25
CA GLU A 146 11.84 -30.26 29.14
C GLU A 146 12.44 -28.97 28.61
N PRO A 147 11.83 -28.38 27.57
CA PRO A 147 12.38 -27.12 27.04
C PRO A 147 12.58 -26.06 28.11
N SER A 148 13.73 -25.41 28.06
CA SER A 148 14.07 -24.39 29.03
C SER A 148 15.05 -23.39 28.42
N GLU A 149 15.37 -22.36 29.19
CA GLU A 149 16.30 -21.31 28.77
C GLU A 149 17.64 -21.91 28.32
N LYS A 150 17.98 -23.06 28.89
CA LYS A 150 19.23 -23.73 28.58
C LYS A 150 19.39 -24.14 27.12
N ASP A 151 18.27 -24.35 26.43
CA ASP A 151 18.31 -24.75 25.03
C ASP A 151 18.71 -23.61 24.09
N ALA A 152 18.72 -22.38 24.61
CA ALA A 152 19.11 -21.22 23.81
C ALA A 152 20.58 -20.91 24.01
N LEU A 153 21.20 -21.60 24.98
CA LEU A 153 22.61 -21.40 25.29
C LEU A 153 23.52 -22.26 24.43
N GLN A 154 23.46 -22.05 23.12
CA GLN A 154 24.29 -22.82 22.19
C GLN A 154 25.24 -21.87 21.46
N PRO A 155 26.47 -22.33 21.16
CA PRO A 155 27.40 -21.45 20.45
C PRO A 155 26.86 -21.18 19.04
N GLY A 156 27.07 -19.96 18.55
CA GLY A 156 26.59 -19.61 17.23
C GLY A 156 26.96 -20.62 16.15
N ARG A 157 28.00 -21.40 16.43
CA ARG A 157 28.50 -22.43 15.52
C ARG A 157 27.42 -23.46 15.21
N ASN A 158 26.41 -23.56 16.07
CA ASN A 158 25.30 -24.52 15.92
C ASN A 158 24.08 -24.00 15.16
N LEU A 159 24.14 -22.76 14.70
CA LEU A 159 23.01 -22.18 13.97
C LEU A 159 22.58 -22.95 12.73
N VAL A 160 21.27 -23.09 12.57
CA VAL A 160 20.69 -23.78 11.44
C VAL A 160 20.40 -22.73 10.37
N ALA A 161 20.01 -21.55 10.83
CA ALA A 161 19.68 -20.44 9.95
C ALA A 161 19.71 -19.17 10.77
N ALA A 162 20.01 -18.07 10.11
CA ALA A 162 20.09 -16.78 10.77
C ALA A 162 19.95 -15.69 9.73
N GLY A 163 19.67 -14.48 10.18
CA GLY A 163 19.54 -13.38 9.24
C GLY A 163 18.90 -12.16 9.86
N TYR A 164 18.42 -11.27 9.01
CA TYR A 164 17.80 -10.07 9.52
C TYR A 164 16.95 -9.37 8.47
N ALA A 165 16.11 -8.47 8.94
CA ALA A 165 15.25 -7.69 8.07
C ALA A 165 15.69 -6.26 8.34
N LEU A 166 16.02 -5.53 7.28
CA LEU A 166 16.42 -4.15 7.43
C LEU A 166 15.26 -3.30 6.94
N TYR A 167 14.78 -2.41 7.80
CA TYR A 167 13.67 -1.53 7.42
C TYR A 167 14.31 -0.19 7.13
N GLY A 168 14.92 -0.07 5.96
CA GLY A 168 15.57 1.17 5.56
C GLY A 168 14.82 1.88 4.45
N SER A 169 15.54 2.40 3.45
CA SER A 169 14.90 3.08 2.34
C SER A 169 13.89 2.11 1.74
N ALA A 170 14.23 0.83 1.80
CA ALA A 170 13.37 -0.24 1.32
C ALA A 170 13.53 -1.36 2.35
N THR A 171 12.66 -2.34 2.33
CA THR A 171 12.75 -3.43 3.29
C THR A 171 13.37 -4.66 2.64
N MET A 172 14.46 -5.14 3.22
CA MET A 172 15.12 -6.33 2.71
C MET A 172 15.37 -7.35 3.81
N LEU A 173 15.24 -8.62 3.44
CA LEU A 173 15.46 -9.70 4.38
C LEU A 173 16.68 -10.50 3.91
N VAL A 174 17.69 -10.58 4.77
CA VAL A 174 18.90 -11.31 4.45
C VAL A 174 18.80 -12.64 5.19
N LEU A 175 18.80 -13.74 4.45
CA LEU A 175 18.70 -15.07 5.05
C LEU A 175 19.98 -15.86 4.81
N ALA A 176 20.55 -16.40 5.88
CA ALA A 176 21.76 -17.19 5.77
C ALA A 176 21.57 -18.59 6.29
N MET A 177 22.11 -19.55 5.54
CA MET A 177 22.04 -20.96 5.90
C MET A 177 23.32 -21.62 5.41
N ASP A 178 23.43 -22.93 5.61
CA ASP A 178 24.63 -23.63 5.20
C ASP A 178 24.97 -23.39 3.73
N CYS A 179 23.95 -23.29 2.88
CA CYS A 179 24.15 -23.08 1.45
C CYS A 179 24.55 -21.66 1.06
N GLY A 180 24.68 -20.76 2.04
CA GLY A 180 25.06 -19.39 1.70
C GLY A 180 24.09 -18.31 2.14
N VAL A 181 24.33 -17.10 1.64
CA VAL A 181 23.50 -15.96 1.98
C VAL A 181 22.69 -15.47 0.77
N ASN A 182 21.43 -15.15 1.01
CA ASN A 182 20.54 -14.67 -0.05
C ASN A 182 19.77 -13.45 0.43
N CYS A 183 19.62 -12.47 -0.47
CA CYS A 183 18.92 -11.23 -0.15
C CYS A 183 17.59 -11.11 -0.88
N PHE A 184 16.55 -10.74 -0.13
CA PHE A 184 15.22 -10.61 -0.68
C PHE A 184 14.67 -9.20 -0.46
N MET A 185 14.10 -8.62 -1.51
CA MET A 185 13.54 -7.28 -1.43
C MET A 185 12.04 -7.39 -1.26
N LEU A 186 11.49 -6.67 -0.28
CA LEU A 186 10.05 -6.69 -0.06
C LEU A 186 9.35 -5.75 -1.04
N ASP A 187 8.49 -6.30 -1.89
CA ASP A 187 7.73 -5.49 -2.84
C ASP A 187 6.42 -5.12 -2.13
N PRO A 188 6.31 -3.88 -1.66
CA PRO A 188 5.08 -3.47 -0.96
C PRO A 188 3.80 -3.54 -1.78
N ALA A 189 3.91 -3.56 -3.11
CA ALA A 189 2.72 -3.63 -3.95
C ALA A 189 2.02 -4.98 -3.81
N ILE A 190 2.78 -6.05 -3.60
CA ILE A 190 2.19 -7.39 -3.50
C ILE A 190 2.58 -8.13 -2.23
N GLY A 191 3.24 -7.44 -1.30
CA GLY A 191 3.64 -8.08 -0.06
C GLY A 191 4.39 -9.38 -0.31
N GLU A 192 5.39 -9.33 -1.19
CA GLU A 192 6.21 -10.49 -1.52
C GLU A 192 7.71 -10.15 -1.45
N PHE A 193 8.47 -11.07 -0.89
CA PHE A 193 9.91 -10.89 -0.82
C PHE A 193 10.50 -11.48 -2.09
N ILE A 194 11.14 -10.63 -2.87
CA ILE A 194 11.72 -11.05 -4.14
C ILE A 194 13.23 -11.23 -4.02
N LEU A 195 13.71 -12.39 -4.45
CA LEU A 195 15.12 -12.69 -4.42
C LEU A 195 15.83 -11.77 -5.42
N VAL A 196 16.75 -10.95 -4.95
CA VAL A 196 17.45 -10.04 -5.85
C VAL A 196 18.99 -10.20 -5.79
N ASP A 197 19.46 -11.04 -4.88
CA ASP A 197 20.89 -11.30 -4.73
C ASP A 197 21.12 -12.72 -4.23
N LYS A 198 21.60 -13.57 -5.13
CA LYS A 198 21.85 -14.97 -4.80
C LYS A 198 23.30 -15.23 -4.37
N ASP A 199 23.45 -16.13 -3.41
CA ASP A 199 24.76 -16.53 -2.90
C ASP A 199 25.70 -15.34 -2.74
N VAL A 200 25.31 -14.38 -1.91
CA VAL A 200 26.11 -13.18 -1.69
C VAL A 200 27.44 -13.42 -0.99
N LYS A 201 28.46 -12.70 -1.43
CA LYS A 201 29.81 -12.80 -0.87
C LYS A 201 30.35 -11.39 -0.62
N ILE A 202 30.90 -11.17 0.57
CA ILE A 202 31.43 -9.87 0.93
C ILE A 202 32.79 -9.63 0.26
N LYS A 203 33.10 -8.37 -0.01
CA LYS A 203 34.39 -8.03 -0.62
C LYS A 203 35.50 -8.53 0.30
N LYS A 204 36.62 -8.91 -0.29
CA LYS A 204 37.76 -9.40 0.48
C LYS A 204 38.31 -8.26 1.34
N LYS A 205 38.23 -7.04 0.83
CA LYS A 205 38.72 -5.87 1.56
C LYS A 205 37.86 -4.65 1.24
N GLY A 206 37.51 -3.89 2.26
CA GLY A 206 36.69 -2.70 2.06
C GLY A 206 37.45 -1.40 2.23
N LYS A 207 36.72 -0.29 2.21
CA LYS A 207 37.31 1.03 2.35
C LYS A 207 36.53 1.87 3.37
N ILE A 208 35.75 1.19 4.21
CA ILE A 208 34.96 1.87 5.22
C ILE A 208 35.06 1.18 6.57
N TYR A 209 35.19 1.98 7.63
CA TYR A 209 35.23 1.43 8.98
C TYR A 209 34.04 2.03 9.71
N SER A 210 33.45 1.27 10.63
CA SER A 210 32.28 1.74 11.34
C SER A 210 32.30 1.40 12.82
N LEU A 211 32.14 2.43 13.65
CA LEU A 211 32.10 2.29 15.10
C LEU A 211 31.83 3.65 15.72
N ASN A 212 31.30 3.69 16.93
CA ASN A 212 31.03 4.96 17.59
C ASN A 212 32.34 5.52 18.14
N GLU A 213 32.89 6.51 17.45
CA GLU A 213 34.15 7.11 17.86
C GLU A 213 34.00 8.00 19.10
N GLY A 214 32.77 8.18 19.56
CA GLY A 214 32.56 8.99 20.74
C GLY A 214 33.12 8.31 21.97
N TYR A 215 33.42 7.02 21.84
CA TYR A 215 33.97 6.25 22.95
C TYR A 215 35.50 6.24 22.90
N ALA A 216 36.07 7.03 21.99
CA ALA A 216 37.53 7.10 21.82
C ALA A 216 38.30 7.09 23.15
N LYS A 217 37.88 7.98 24.04
CA LYS A 217 38.48 8.13 25.36
C LYS A 217 38.61 6.79 26.10
N ASP A 218 37.64 5.90 25.92
CA ASP A 218 37.68 4.61 26.60
C ASP A 218 38.10 3.43 25.75
N PHE A 219 38.50 3.71 24.51
CA PHE A 219 38.93 2.67 23.57
C PHE A 219 40.08 1.84 24.11
N ASP A 220 40.08 0.56 23.76
CA ASP A 220 41.15 -0.33 24.12
C ASP A 220 42.29 0.12 23.20
N PRO A 221 43.55 0.03 23.65
CA PRO A 221 44.70 0.43 22.83
C PRO A 221 44.72 -0.13 21.41
N ALA A 222 44.36 -1.40 21.25
CA ALA A 222 44.33 -2.03 19.94
C ALA A 222 43.32 -1.34 19.02
N VAL A 223 42.17 -0.99 19.58
CA VAL A 223 41.15 -0.32 18.79
C VAL A 223 41.65 1.06 18.40
N THR A 224 42.25 1.76 19.34
CA THR A 224 42.78 3.09 19.07
C THR A 224 43.78 3.07 17.91
N GLU A 225 44.74 2.15 17.97
CA GLU A 225 45.75 2.03 16.93
C GLU A 225 45.12 1.66 15.58
N TYR A 226 44.22 0.68 15.59
CA TYR A 226 43.57 0.25 14.35
C TYR A 226 42.86 1.40 13.65
N ILE A 227 42.03 2.13 14.39
CA ILE A 227 41.30 3.26 13.80
C ILE A 227 42.31 4.28 13.28
N GLN A 228 43.40 4.42 14.00
CA GLN A 228 44.47 5.34 13.65
C GLN A 228 45.06 4.97 12.28
N ARG A 229 45.18 3.66 12.04
CA ARG A 229 45.72 3.16 10.79
C ARG A 229 44.75 3.37 9.63
N LYS A 230 43.45 3.45 9.93
CA LYS A 230 42.48 3.64 8.88
C LYS A 230 42.41 5.11 8.47
N LYS A 231 42.70 6.00 9.41
CA LYS A 231 42.66 7.45 9.14
C LYS A 231 44.02 7.94 8.62
N PHE A 232 45.09 7.33 9.13
CA PHE A 232 46.45 7.68 8.73
C PHE A 232 47.18 6.42 8.29
N PRO A 233 46.82 5.87 7.12
CA PRO A 233 47.48 4.66 6.64
C PRO A 233 49.01 4.75 6.75
N PRO A 234 49.66 3.63 7.10
CA PRO A 234 51.12 3.57 7.24
C PRO A 234 51.79 3.65 5.87
N ASP A 235 51.41 2.75 4.98
CA ASP A 235 51.95 2.68 3.62
C ASP A 235 51.45 3.88 2.83
N ASN A 236 50.89 4.85 3.53
CA ASN A 236 50.37 6.07 2.91
C ASN A 236 49.32 5.85 1.84
N SER A 237 48.57 4.75 1.95
CA SER A 237 47.48 4.47 1.02
C SER A 237 46.33 5.43 1.36
N ALA A 238 45.22 5.35 0.63
CA ALA A 238 44.10 6.24 0.92
C ALA A 238 43.37 5.82 2.20
N PRO A 239 43.09 6.78 3.09
CA PRO A 239 42.40 6.44 4.32
C PRO A 239 40.98 5.93 4.07
N TYR A 240 40.50 5.08 4.97
CA TYR A 240 39.16 4.52 4.88
C TYR A 240 38.14 5.59 5.18
N GLY A 241 36.95 5.45 4.61
CA GLY A 241 35.90 6.40 4.90
C GLY A 241 35.22 5.91 6.17
N ALA A 242 34.55 6.80 6.89
CA ALA A 242 33.87 6.42 8.13
C ALA A 242 32.36 6.51 7.95
N ARG A 243 31.66 5.56 8.57
CA ARG A 243 30.21 5.50 8.53
C ARG A 243 29.74 4.88 9.82
N TYR A 244 28.79 5.50 10.50
CA TYR A 244 28.23 4.94 11.73
C TYR A 244 26.80 5.40 11.89
N VAL A 245 25.87 4.53 11.51
CA VAL A 245 24.45 4.84 11.59
C VAL A 245 23.92 4.77 13.02
N GLY A 246 24.42 3.81 13.79
CA GLY A 246 23.97 3.66 15.16
C GLY A 246 22.98 2.52 15.30
N SER A 247 22.57 1.96 14.17
CA SER A 247 21.63 0.85 14.14
C SER A 247 22.43 -0.33 13.60
N MET A 248 22.65 -1.35 14.43
CA MET A 248 23.44 -2.48 13.99
C MET A 248 23.03 -3.08 12.66
N VAL A 249 21.73 -3.25 12.44
CA VAL A 249 21.28 -3.81 11.17
C VAL A 249 21.73 -2.97 9.97
N ALA A 250 21.63 -1.64 10.09
CA ALA A 250 22.04 -0.78 8.99
C ALA A 250 23.56 -0.84 8.79
N ASP A 251 24.32 -0.69 9.87
CA ASP A 251 25.77 -0.72 9.77
C ASP A 251 26.27 -2.06 9.25
N VAL A 252 25.69 -3.15 9.74
CA VAL A 252 26.11 -4.47 9.31
C VAL A 252 25.78 -4.72 7.85
N HIS A 253 24.59 -4.30 7.44
CA HIS A 253 24.18 -4.52 6.06
C HIS A 253 25.10 -3.74 5.10
N ARG A 254 25.43 -2.51 5.47
CA ARG A 254 26.30 -1.69 4.64
C ARG A 254 27.63 -2.42 4.49
N THR A 255 28.11 -2.97 5.61
CA THR A 255 29.37 -3.71 5.62
C THR A 255 29.32 -4.90 4.67
N LEU A 256 28.19 -5.61 4.66
CA LEU A 256 28.02 -6.77 3.79
C LEU A 256 28.03 -6.38 2.32
N VAL A 257 27.26 -5.35 1.98
CA VAL A 257 27.14 -4.87 0.61
C VAL A 257 28.38 -4.16 0.07
N TYR A 258 28.96 -3.24 0.83
CA TYR A 258 30.13 -2.51 0.37
C TYR A 258 31.46 -3.04 0.93
N GLY A 259 31.39 -4.00 1.84
CA GLY A 259 32.61 -4.52 2.42
C GLY A 259 33.13 -3.53 3.45
N GLY A 260 34.16 -3.92 4.20
CA GLY A 260 34.70 -3.02 5.20
C GLY A 260 34.70 -3.67 6.57
N ILE A 261 34.61 -2.87 7.62
CA ILE A 261 34.64 -3.39 8.97
C ILE A 261 33.72 -2.64 9.93
N PHE A 262 33.06 -3.40 10.80
CA PHE A 262 32.17 -2.85 11.79
C PHE A 262 32.67 -3.26 13.17
N LEU A 263 32.70 -2.30 14.09
CA LEU A 263 33.18 -2.60 15.44
C LEU A 263 32.32 -2.05 16.56
N TYR A 264 32.22 -2.85 17.62
CA TYR A 264 31.53 -2.50 18.86
C TYR A 264 32.30 -3.35 19.84
N PRO A 265 33.56 -2.97 20.11
CA PRO A 265 34.46 -3.67 21.03
C PRO A 265 34.24 -3.39 22.49
N ALA A 266 34.99 -4.12 23.31
CA ALA A 266 34.93 -3.95 24.75
C ALA A 266 35.90 -2.84 25.04
N ASN A 267 35.72 -2.17 26.17
CA ASN A 267 36.62 -1.10 26.56
C ASN A 267 36.88 -1.22 28.06
N LYS A 268 37.18 -0.10 28.71
CA LYS A 268 37.42 -0.12 30.14
C LYS A 268 36.06 -0.30 30.83
N LYS A 269 35.15 0.62 30.54
CA LYS A 269 33.81 0.60 31.13
C LYS A 269 33.05 -0.70 30.81
N SER A 270 32.97 -1.03 29.52
CA SER A 270 32.28 -2.24 29.04
C SER A 270 33.28 -3.34 28.68
N PRO A 271 33.69 -4.14 29.68
CA PRO A 271 34.65 -5.25 29.53
C PRO A 271 34.24 -6.39 28.60
N ASN A 272 32.94 -6.69 28.52
CA ASN A 272 32.48 -7.77 27.65
C ASN A 272 31.70 -7.25 26.46
N GLY A 273 31.88 -5.96 26.18
CA GLY A 273 31.18 -5.36 25.06
C GLY A 273 29.81 -4.82 25.45
N LYS A 274 29.05 -4.36 24.46
CA LYS A 274 27.73 -3.81 24.71
C LYS A 274 26.62 -4.59 24.01
N LEU A 275 26.91 -5.09 22.82
CA LEU A 275 25.92 -5.85 22.06
C LEU A 275 25.67 -7.21 22.71
N ARG A 276 24.48 -7.75 22.50
CA ARG A 276 24.05 -9.03 23.06
C ARG A 276 24.51 -10.19 22.17
N LEU A 277 25.07 -11.23 22.78
CA LEU A 277 25.56 -12.38 22.03
C LEU A 277 24.52 -13.20 21.29
N LEU A 278 23.47 -13.61 21.99
CA LEU A 278 22.43 -14.46 21.40
C LEU A 278 21.61 -13.88 20.24
N TYR A 279 21.10 -12.66 20.37
CA TYR A 279 20.27 -12.11 19.29
C TYR A 279 20.83 -10.96 18.49
N GLU A 280 22.09 -10.61 18.71
CA GLU A 280 22.68 -9.53 17.94
C GLU A 280 23.98 -9.99 17.30
N CYS A 281 24.94 -10.40 18.14
CA CYS A 281 26.23 -10.85 17.65
C CYS A 281 26.21 -12.15 16.86
N ASN A 282 25.73 -13.22 17.46
CA ASN A 282 25.68 -14.50 16.76
C ASN A 282 25.03 -14.45 15.38
N PRO A 283 23.77 -13.96 15.30
CA PRO A 283 23.13 -13.94 13.98
C PRO A 283 23.98 -13.20 12.94
N MET A 284 24.53 -12.05 13.30
CA MET A 284 25.34 -11.29 12.36
C MET A 284 26.65 -11.98 12.02
N ALA A 285 27.20 -12.69 13.00
CA ALA A 285 28.45 -13.42 12.79
C ALA A 285 28.20 -14.55 11.78
N TYR A 286 27.05 -15.22 11.92
CA TYR A 286 26.71 -16.32 11.04
C TYR A 286 26.55 -15.81 9.61
N VAL A 287 25.84 -14.69 9.44
CA VAL A 287 25.64 -14.12 8.12
C VAL A 287 27.01 -13.81 7.50
N MET A 288 27.84 -13.12 8.28
CA MET A 288 29.17 -12.74 7.80
C MET A 288 30.01 -13.95 7.38
N GLU A 289 30.11 -14.97 8.23
CA GLU A 289 30.89 -16.13 7.86
C GLU A 289 30.35 -16.85 6.63
N LYS A 290 29.03 -16.96 6.52
CA LYS A 290 28.45 -17.62 5.36
C LYS A 290 28.65 -16.82 4.08
N ALA A 291 29.00 -15.54 4.23
CA ALA A 291 29.22 -14.66 3.09
C ALA A 291 30.71 -14.50 2.82
N GLY A 292 31.53 -15.25 3.55
CA GLY A 292 32.96 -15.17 3.35
C GLY A 292 33.65 -14.13 4.20
N GLY A 293 32.94 -13.58 5.19
CA GLY A 293 33.51 -12.57 6.06
C GLY A 293 33.92 -13.17 7.39
N MET A 294 34.24 -12.32 8.35
CA MET A 294 34.64 -12.78 9.68
C MET A 294 33.97 -11.99 10.79
N ALA A 295 33.92 -12.59 11.97
CA ALA A 295 33.33 -11.97 13.15
C ALA A 295 34.07 -12.50 14.38
N THR A 296 34.79 -11.60 15.05
CA THR A 296 35.55 -12.00 16.21
C THR A 296 35.30 -11.11 17.41
N THR A 297 35.59 -11.64 18.60
CA THR A 297 35.44 -10.87 19.84
C THR A 297 36.82 -10.30 20.13
N GLY A 298 37.79 -10.75 19.34
CA GLY A 298 39.17 -10.31 19.51
C GLY A 298 39.97 -11.50 20.00
N LYS A 299 39.37 -12.26 20.91
CA LYS A 299 39.99 -13.43 21.49
C LYS A 299 39.59 -14.70 20.74
N GLU A 300 38.42 -14.67 20.10
CA GLU A 300 37.93 -15.84 19.37
C GLU A 300 36.76 -15.50 18.48
N ALA A 301 36.39 -16.44 17.62
CA ALA A 301 35.27 -16.24 16.72
C ALA A 301 33.99 -16.16 17.55
N VAL A 302 33.18 -15.15 17.24
CA VAL A 302 31.90 -14.92 17.91
C VAL A 302 31.09 -16.22 18.00
N LEU A 303 31.01 -16.95 16.90
CA LEU A 303 30.26 -18.22 16.84
C LEU A 303 30.77 -19.32 17.77
N ASP A 304 32.00 -19.18 18.28
CA ASP A 304 32.56 -20.20 19.16
C ASP A 304 32.31 -19.93 20.65
N VAL A 305 31.94 -18.71 20.98
CA VAL A 305 31.68 -18.35 22.36
C VAL A 305 30.53 -19.20 22.91
N ILE A 306 30.76 -19.90 24.01
CA ILE A 306 29.69 -20.70 24.62
C ILE A 306 29.00 -19.80 25.64
N PRO A 307 27.71 -19.48 25.41
CA PRO A 307 27.01 -18.62 26.36
C PRO A 307 26.59 -19.31 27.65
N THR A 308 26.48 -18.51 28.71
CA THR A 308 26.05 -19.03 30.00
C THR A 308 24.80 -18.24 30.45
N ASP A 309 24.55 -17.10 29.79
CA ASP A 309 23.41 -16.23 30.10
C ASP A 309 22.76 -15.73 28.79
N ILE A 310 21.46 -15.97 28.62
CA ILE A 310 20.79 -15.55 27.39
C ILE A 310 20.93 -14.09 27.01
N HIS A 311 21.26 -13.23 27.97
CA HIS A 311 21.43 -11.82 27.65
C HIS A 311 22.86 -11.33 27.83
N GLN A 312 23.81 -12.25 27.89
CA GLN A 312 25.20 -11.83 28.06
C GLN A 312 25.68 -11.02 26.87
N ARG A 313 26.58 -10.08 27.14
CA ARG A 313 27.11 -9.23 26.09
C ARG A 313 28.37 -9.86 25.52
N ALA A 314 28.77 -9.39 24.35
CA ALA A 314 29.97 -9.88 23.70
C ALA A 314 30.52 -8.81 22.78
N PRO A 315 31.85 -8.60 22.80
CA PRO A 315 32.40 -7.59 21.91
C PRO A 315 32.35 -8.18 20.50
N VAL A 316 32.40 -7.33 19.47
CA VAL A 316 32.33 -7.85 18.12
C VAL A 316 32.99 -6.98 17.07
N ILE A 317 33.82 -7.61 16.25
CA ILE A 317 34.52 -6.95 15.17
C ILE A 317 34.24 -7.85 13.97
N LEU A 318 33.51 -7.33 12.99
CA LEU A 318 33.15 -8.14 11.81
C LEU A 318 33.27 -7.39 10.48
N GLY A 319 33.14 -8.13 9.39
CA GLY A 319 33.24 -7.52 8.08
C GLY A 319 34.16 -8.28 7.13
N SER A 320 34.74 -7.55 6.18
CA SER A 320 35.66 -8.14 5.20
C SER A 320 36.80 -8.86 5.91
N PRO A 321 37.17 -10.05 5.42
CA PRO A 321 38.26 -10.87 5.99
C PRO A 321 39.58 -10.12 6.19
N ASP A 322 40.08 -9.51 5.13
CA ASP A 322 41.34 -8.80 5.22
C ASP A 322 41.31 -7.70 6.26
N ASP A 323 40.17 -7.04 6.41
CA ASP A 323 40.04 -5.98 7.39
C ASP A 323 40.00 -6.51 8.80
N VAL A 324 39.28 -7.61 9.01
CA VAL A 324 39.18 -8.21 10.34
C VAL A 324 40.53 -8.79 10.73
N LEU A 325 41.19 -9.46 9.79
CA LEU A 325 42.51 -10.04 10.03
C LEU A 325 43.47 -8.93 10.45
N GLU A 326 43.39 -7.79 9.76
CA GLU A 326 44.27 -6.69 10.09
C GLU A 326 43.99 -6.24 11.52
N PHE A 327 42.71 -6.20 11.90
CA PHE A 327 42.39 -5.79 13.25
C PHE A 327 43.03 -6.76 14.22
N LEU A 328 42.87 -8.04 13.96
CA LEU A 328 43.41 -9.08 14.81
C LEU A 328 44.93 -8.96 14.94
N LYS A 329 45.59 -8.46 13.90
CA LYS A 329 47.04 -8.31 13.96
C LYS A 329 47.36 -7.26 15.01
N VAL A 330 46.64 -6.14 14.96
CA VAL A 330 46.85 -5.06 15.92
C VAL A 330 46.49 -5.58 17.31
N TYR A 331 45.35 -6.26 17.41
CA TYR A 331 44.92 -6.79 18.69
C TYR A 331 46.00 -7.66 19.31
N GLU A 332 46.57 -8.55 18.51
CA GLU A 332 47.61 -9.45 19.00
C GLU A 332 48.84 -8.66 19.46
N LYS A 333 49.17 -7.59 18.73
CA LYS A 333 50.31 -6.76 19.07
C LYS A 333 50.15 -6.18 20.49
N HIS A 334 48.90 -6.08 20.96
CA HIS A 334 48.63 -5.55 22.27
C HIS A 334 48.28 -6.63 23.30
N SER A 335 48.62 -7.88 22.98
CA SER A 335 48.32 -8.99 23.88
C SER A 335 49.59 -9.76 24.24
N ASP B 9 -7.43 18.36 16.52
CA ASP B 9 -7.86 18.41 15.09
C ASP B 9 -6.74 17.96 14.16
N VAL B 10 -6.99 16.90 13.40
CA VAL B 10 -6.01 16.38 12.49
C VAL B 10 -5.69 17.39 11.39
N ASN B 11 -4.46 17.38 10.93
CA ASN B 11 -4.07 18.30 9.87
C ASN B 11 -3.19 17.55 8.88
N THR B 12 -3.36 17.88 7.60
CA THR B 12 -2.61 17.25 6.54
C THR B 12 -1.73 18.29 5.86
N LEU B 13 -0.74 17.85 5.10
CA LEU B 13 0.13 18.80 4.40
C LEU B 13 -0.70 19.67 3.45
N THR B 14 -1.62 19.05 2.72
CA THR B 14 -2.48 19.76 1.78
C THR B 14 -3.30 20.86 2.48
N ARG B 15 -3.97 20.50 3.57
CA ARG B 15 -4.78 21.45 4.30
C ARG B 15 -3.92 22.58 4.87
N PHE B 16 -2.77 22.22 5.45
CA PHE B 16 -1.84 23.19 6.02
C PHE B 16 -1.36 24.19 4.97
N VAL B 17 -0.91 23.67 3.84
CA VAL B 17 -0.42 24.49 2.75
C VAL B 17 -1.50 25.44 2.21
N MET B 18 -2.69 24.91 1.97
CA MET B 18 -3.78 25.74 1.45
C MET B 18 -4.13 26.86 2.42
N GLU B 19 -4.07 26.56 3.72
CA GLU B 19 -4.39 27.56 4.73
C GLU B 19 -3.36 28.69 4.75
N GLU B 20 -2.07 28.34 4.73
CA GLU B 20 -1.02 29.35 4.72
C GLU B 20 -1.12 30.17 3.44
N GLY B 21 -1.44 29.50 2.34
CA GLY B 21 -1.57 30.21 1.09
C GLY B 21 -2.74 31.18 1.16
N ARG B 22 -3.84 30.74 1.73
CA ARG B 22 -5.02 31.56 1.86
C ARG B 22 -4.70 32.82 2.66
N LYS B 23 -3.87 32.68 3.69
CA LYS B 23 -3.52 33.81 4.52
C LYS B 23 -2.60 34.80 3.80
N ALA B 24 -1.69 34.29 2.98
CA ALA B 24 -0.78 35.16 2.24
C ALA B 24 -1.55 36.09 1.31
N ARG B 25 -2.77 35.70 0.95
CA ARG B 25 -3.63 36.50 0.07
C ARG B 25 -2.97 36.83 -1.26
N GLY B 26 -2.41 35.81 -1.91
CA GLY B 26 -1.75 35.99 -3.19
C GLY B 26 -2.49 35.31 -4.31
N THR B 27 -1.78 34.87 -5.34
CA THR B 27 -2.43 34.21 -6.47
C THR B 27 -2.73 32.74 -6.22
N GLY B 28 -2.05 32.14 -5.25
CA GLY B 28 -2.25 30.73 -4.94
C GLY B 28 -1.24 29.87 -5.67
N GLU B 29 -0.30 30.51 -6.35
CA GLU B 29 0.73 29.80 -7.10
C GLU B 29 1.60 28.90 -6.24
N LEU B 30 2.16 29.47 -5.17
CA LEU B 30 3.03 28.69 -4.29
C LEU B 30 2.30 27.46 -3.76
N THR B 31 1.00 27.59 -3.55
CA THR B 31 0.17 26.49 -3.07
C THR B 31 0.22 25.34 -4.09
N GLN B 32 0.04 25.70 -5.37
CA GLN B 32 0.07 24.71 -6.45
C GLN B 32 1.45 24.08 -6.56
N LEU B 33 2.48 24.90 -6.36
CA LEU B 33 3.84 24.43 -6.44
C LEU B 33 4.05 23.38 -5.34
N LEU B 34 3.73 23.76 -4.10
CA LEU B 34 3.90 22.85 -2.98
C LEU B 34 3.08 21.57 -3.14
N ASN B 35 1.84 21.70 -3.61
CA ASN B 35 1.00 20.53 -3.80
C ASN B 35 1.68 19.58 -4.78
N SER B 36 2.19 20.15 -5.88
CA SER B 36 2.86 19.37 -6.91
C SER B 36 4.11 18.66 -6.36
N LEU B 37 4.87 19.39 -5.55
CA LEU B 37 6.08 18.83 -4.98
C LEU B 37 5.71 17.68 -4.04
N CYS B 38 4.65 17.87 -3.27
CA CYS B 38 4.17 16.87 -2.35
C CYS B 38 3.83 15.57 -3.07
N THR B 39 3.12 15.69 -4.19
CA THR B 39 2.75 14.52 -4.98
C THR B 39 4.00 13.84 -5.53
N ALA B 40 4.96 14.64 -6.01
CA ALA B 40 6.19 14.08 -6.53
C ALA B 40 6.91 13.29 -5.42
N VAL B 41 6.95 13.86 -4.22
CA VAL B 41 7.61 13.17 -3.10
C VAL B 41 6.96 11.82 -2.77
N LYS B 42 5.64 11.73 -2.86
CA LYS B 42 4.97 10.46 -2.58
C LYS B 42 5.33 9.45 -3.67
N ALA B 43 5.44 9.94 -4.90
CA ALA B 43 5.80 9.08 -6.03
C ALA B 43 7.22 8.56 -5.82
N ILE B 44 8.12 9.43 -5.40
CA ILE B 44 9.49 9.02 -5.16
C ILE B 44 9.53 7.98 -4.04
N SER B 45 8.80 8.27 -2.97
CA SER B 45 8.73 7.37 -1.82
C SER B 45 8.30 5.96 -2.28
N SER B 46 7.23 5.90 -3.05
CA SER B 46 6.74 4.63 -3.53
C SER B 46 7.83 3.88 -4.29
N ALA B 47 8.55 4.58 -5.18
CA ALA B 47 9.62 3.96 -5.95
C ALA B 47 10.79 3.55 -5.07
N VAL B 48 11.15 4.40 -4.09
CA VAL B 48 12.26 4.09 -3.20
C VAL B 48 11.97 2.82 -2.37
N ARG B 49 10.73 2.63 -1.93
CA ARG B 49 10.41 1.42 -1.15
C ARG B 49 10.29 0.19 -2.07
N LYS B 50 10.62 0.36 -3.35
CA LYS B 50 10.61 -0.71 -4.34
C LYS B 50 9.27 -1.32 -4.75
N ALA B 51 8.24 -0.48 -4.84
CA ALA B 51 6.92 -0.94 -5.25
C ALA B 51 7.04 -1.42 -6.70
N GLY B 52 6.51 -2.59 -6.98
CA GLY B 52 6.56 -3.11 -8.33
C GLY B 52 7.87 -3.75 -8.75
N ILE B 53 8.82 -3.90 -7.83
CA ILE B 53 10.11 -4.48 -8.18
C ILE B 53 9.94 -5.92 -8.68
N ALA B 54 8.86 -6.57 -8.27
CA ALA B 54 8.58 -7.94 -8.69
C ALA B 54 8.52 -8.03 -10.23
N HIS B 55 7.96 -7.00 -10.85
CA HIS B 55 7.84 -6.96 -12.32
C HIS B 55 9.22 -6.85 -12.94
N LEU B 56 10.12 -6.18 -12.25
CA LEU B 56 11.49 -5.99 -12.70
C LEU B 56 12.20 -7.35 -12.73
N TYR B 57 11.84 -8.22 -11.79
CA TYR B 57 12.47 -9.53 -11.74
C TYR B 57 11.71 -10.66 -12.41
N GLY B 58 10.83 -10.30 -13.33
CA GLY B 58 10.07 -11.27 -14.10
C GLY B 58 8.85 -11.98 -13.52
N ILE B 59 8.15 -11.37 -12.59
CA ILE B 59 6.97 -12.00 -12.02
C ILE B 59 5.96 -12.30 -13.15
N ALA B 60 5.88 -11.43 -14.14
CA ALA B 60 4.95 -11.61 -15.25
C ALA B 60 5.64 -12.08 -16.52
N GLY B 61 6.85 -12.62 -16.37
CA GLY B 61 7.60 -13.11 -17.52
C GLY B 61 8.61 -12.11 -18.03
N LYS B 71 14.26 2.46 -15.56
CA LYS B 71 15.29 3.50 -15.42
C LYS B 71 15.73 3.65 -13.95
N LYS B 72 16.91 4.24 -13.77
CA LYS B 72 17.51 4.47 -12.45
C LYS B 72 16.62 5.30 -11.54
N LEU B 73 16.69 5.00 -10.25
CA LEU B 73 15.90 5.69 -9.25
C LEU B 73 16.13 7.19 -9.20
N ASP B 74 17.38 7.62 -9.36
CA ASP B 74 17.63 9.05 -9.32
C ASP B 74 17.10 9.76 -10.56
N VAL B 75 17.19 9.10 -11.71
CA VAL B 75 16.67 9.68 -12.95
C VAL B 75 15.16 9.79 -12.84
N LEU B 76 14.52 8.74 -12.35
CA LEU B 76 13.07 8.73 -12.18
C LEU B 76 12.63 9.81 -11.21
N SER B 77 13.34 9.91 -10.09
CA SER B 77 13.02 10.92 -9.08
C SER B 77 13.10 12.31 -9.68
N ASN B 78 14.15 12.54 -10.47
CA ASN B 78 14.33 13.84 -11.08
C ASN B 78 13.20 14.13 -12.05
N ASP B 79 12.81 13.13 -12.83
CA ASP B 79 11.72 13.30 -13.78
C ASP B 79 10.43 13.65 -13.05
N LEU B 80 10.14 12.94 -11.97
CA LEU B 80 8.94 13.21 -11.19
C LEU B 80 8.89 14.67 -10.71
N VAL B 81 9.93 15.13 -10.02
CA VAL B 81 9.96 16.50 -9.53
C VAL B 81 9.84 17.48 -10.71
N MET B 82 10.71 17.30 -11.69
CA MET B 82 10.72 18.16 -12.88
C MET B 82 9.36 18.27 -13.54
N ASN B 83 8.73 17.14 -13.78
CA ASN B 83 7.43 17.16 -14.43
C ASN B 83 6.32 17.75 -13.56
N MET B 84 6.29 17.40 -12.27
CA MET B 84 5.26 17.93 -11.40
C MET B 84 5.39 19.45 -11.22
N LEU B 85 6.62 19.93 -11.08
CA LEU B 85 6.84 21.37 -10.92
C LEU B 85 6.45 22.13 -12.19
N LYS B 86 6.95 21.67 -13.33
CA LYS B 86 6.60 22.33 -14.58
C LYS B 86 5.09 22.42 -14.76
N SER B 87 4.40 21.29 -14.57
CA SER B 87 2.94 21.26 -14.75
C SER B 87 2.15 21.99 -13.66
N SER B 88 2.84 22.55 -12.68
CA SER B 88 2.19 23.29 -11.61
C SER B 88 1.87 24.71 -12.10
N PHE B 89 2.58 25.13 -13.15
CA PHE B 89 2.43 26.46 -13.73
C PHE B 89 2.90 27.53 -12.75
N ALA B 90 3.69 27.11 -11.76
CA ALA B 90 4.16 28.04 -10.73
C ALA B 90 5.67 28.29 -10.75
N THR B 91 6.38 27.64 -11.65
CA THR B 91 7.82 27.82 -11.70
C THR B 91 8.31 28.35 -13.05
N CYS B 92 9.52 28.89 -13.05
CA CYS B 92 10.10 29.42 -14.28
C CYS B 92 11.53 28.91 -14.47
N VAL B 93 12.24 28.69 -13.36
CA VAL B 93 13.62 28.21 -13.39
C VAL B 93 13.77 27.05 -12.39
N LEU B 94 14.31 25.94 -12.86
CA LEU B 94 14.50 24.76 -12.03
C LEU B 94 15.94 24.27 -12.00
N VAL B 95 16.52 24.19 -10.81
CA VAL B 95 17.89 23.72 -10.67
C VAL B 95 17.87 22.39 -9.93
N SER B 96 18.48 21.38 -10.55
CA SER B 96 18.55 20.05 -9.99
C SER B 96 19.98 19.55 -9.95
N GLU B 97 20.28 18.80 -8.90
CA GLU B 97 21.59 18.22 -8.71
C GLU B 97 21.88 17.33 -9.93
N GLU B 98 20.81 16.87 -10.56
CA GLU B 98 20.90 15.97 -11.73
C GLU B 98 21.15 16.60 -13.08
N ASP B 99 21.03 17.91 -13.20
CA ASP B 99 21.22 18.55 -14.50
C ASP B 99 22.30 19.64 -14.55
N LYS B 100 23.24 19.51 -15.50
CA LYS B 100 24.34 20.46 -15.63
C LYS B 100 23.86 21.92 -15.73
N HIS B 101 22.82 22.15 -16.52
CA HIS B 101 22.28 23.49 -16.70
C HIS B 101 20.92 23.63 -16.04
N ALA B 102 20.57 24.85 -15.69
CA ALA B 102 19.27 25.10 -15.09
C ALA B 102 18.24 24.85 -16.19
N ILE B 103 17.09 24.33 -15.80
CA ILE B 103 16.02 24.08 -16.77
C ILE B 103 15.12 25.29 -16.79
N ILE B 104 14.85 25.80 -17.99
CA ILE B 104 13.97 26.94 -18.13
C ILE B 104 12.63 26.42 -18.58
N VAL B 105 11.61 26.66 -17.77
CA VAL B 105 10.26 26.21 -18.04
C VAL B 105 9.74 26.88 -19.31
N GLU B 106 9.09 26.11 -20.17
CA GLU B 106 8.55 26.68 -21.39
C GLU B 106 7.59 27.80 -21.03
N PRO B 107 7.54 28.86 -21.84
CA PRO B 107 6.69 30.02 -21.64
C PRO B 107 5.26 29.78 -21.17
N GLU B 108 4.56 28.84 -21.79
CA GLU B 108 3.17 28.58 -21.43
C GLU B 108 2.94 27.93 -20.08
N LYS B 109 4.01 27.54 -19.40
CA LYS B 109 3.88 26.90 -18.09
C LYS B 109 4.63 27.66 -17.02
N ARG B 110 5.13 28.84 -17.36
CA ARG B 110 5.89 29.65 -16.43
C ARG B 110 5.14 30.26 -15.27
N GLY B 111 5.74 30.13 -14.09
CA GLY B 111 5.19 30.68 -12.87
C GLY B 111 6.27 31.59 -12.34
N LYS B 112 6.05 32.21 -11.18
CA LYS B 112 7.04 33.13 -10.66
C LYS B 112 8.08 32.55 -9.69
N TYR B 113 8.07 31.23 -9.48
CA TYR B 113 9.00 30.63 -8.55
C TYR B 113 10.18 29.90 -9.16
N VAL B 114 11.29 29.91 -8.43
CA VAL B 114 12.53 29.25 -8.83
C VAL B 114 12.72 28.15 -7.81
N VAL B 115 13.00 26.93 -8.28
CA VAL B 115 13.19 25.84 -7.35
C VAL B 115 14.52 25.12 -7.58
N CYS B 116 15.28 24.98 -6.49
CA CYS B 116 16.56 24.29 -6.54
C CYS B 116 16.33 23.05 -5.69
N PHE B 117 16.70 21.89 -6.20
CA PHE B 117 16.48 20.65 -5.45
C PHE B 117 17.42 19.51 -5.81
N ASP B 118 17.49 18.53 -4.91
CA ASP B 118 18.27 17.32 -5.12
C ASP B 118 17.16 16.27 -5.09
N PRO B 119 16.81 15.71 -6.25
CA PRO B 119 15.75 14.69 -6.39
C PRO B 119 15.87 13.52 -5.44
N LEU B 120 17.08 12.98 -5.33
CA LEU B 120 17.32 11.83 -4.47
C LEU B 120 18.70 11.89 -3.84
N ASP B 121 18.79 12.61 -2.73
CA ASP B 121 20.02 12.78 -1.98
C ASP B 121 20.47 11.47 -1.36
N GLY B 122 21.75 11.17 -1.53
CA GLY B 122 22.31 9.96 -0.97
C GLY B 122 22.10 8.74 -1.84
N SER B 123 21.63 8.96 -3.08
CA SER B 123 21.38 7.86 -4.01
C SER B 123 22.67 7.16 -4.46
N SER B 124 23.81 7.79 -4.22
CA SER B 124 25.10 7.22 -4.59
C SER B 124 25.36 5.92 -3.80
N ASN B 125 24.86 5.91 -2.57
CA ASN B 125 25.03 4.78 -1.65
C ASN B 125 23.67 4.13 -1.39
N ILE B 126 22.78 4.19 -2.38
CA ILE B 126 21.44 3.63 -2.27
C ILE B 126 21.39 2.10 -2.27
N ASP B 127 22.47 1.47 -2.75
CA ASP B 127 22.54 0.02 -2.83
C ASP B 127 22.56 -0.68 -1.48
N CYS B 128 22.89 0.06 -0.43
CA CYS B 128 22.93 -0.50 0.92
C CYS B 128 21.66 -0.19 1.68
N LEU B 129 20.66 0.33 0.97
CA LEU B 129 19.37 0.67 1.55
C LEU B 129 19.46 1.77 2.61
N VAL B 130 20.49 2.60 2.50
CA VAL B 130 20.67 3.70 3.45
C VAL B 130 19.57 4.71 3.17
N SER B 131 19.23 5.51 4.17
CA SER B 131 18.19 6.51 3.99
C SER B 131 18.58 7.47 2.86
N VAL B 132 17.57 7.93 2.13
CA VAL B 132 17.79 8.87 1.04
C VAL B 132 16.70 9.92 1.18
N GLY B 133 16.83 11.03 0.47
CA GLY B 133 15.82 12.06 0.58
C GLY B 133 15.79 13.02 -0.59
N THR B 134 14.90 14.00 -0.49
CA THR B 134 14.76 15.02 -1.51
C THR B 134 14.89 16.34 -0.78
N ILE B 135 15.76 17.22 -1.27
CA ILE B 135 15.95 18.51 -0.64
C ILE B 135 15.48 19.56 -1.63
N PHE B 136 14.87 20.64 -1.12
CA PHE B 136 14.36 21.67 -2.01
C PHE B 136 14.36 23.07 -1.39
N GLY B 137 14.55 24.07 -2.24
CA GLY B 137 14.56 25.45 -1.81
C GLY B 137 13.76 26.24 -2.82
N ILE B 138 12.86 27.08 -2.35
CA ILE B 138 12.01 27.85 -3.24
C ILE B 138 12.22 29.35 -3.11
N TYR B 139 12.46 29.99 -4.25
CA TYR B 139 12.67 31.43 -4.32
C TYR B 139 11.64 32.04 -5.26
N ARG B 140 11.44 33.34 -5.13
CA ARG B 140 10.52 34.06 -6.00
C ARG B 140 11.43 34.74 -7.00
N LYS B 141 11.09 34.64 -8.29
CA LYS B 141 11.93 35.30 -9.30
C LYS B 141 11.91 36.78 -8.96
N LYS B 142 13.07 37.36 -8.70
CA LYS B 142 13.13 38.76 -8.31
C LYS B 142 13.28 39.73 -9.48
N SER B 143 13.66 39.21 -10.65
CA SER B 143 13.87 40.04 -11.83
C SER B 143 12.68 40.25 -12.77
N THR B 144 12.92 41.02 -13.82
CA THR B 144 11.89 41.33 -14.81
C THR B 144 12.31 40.88 -16.20
N ASP B 145 13.47 40.23 -16.29
CA ASP B 145 13.99 39.75 -17.57
C ASP B 145 13.58 38.33 -17.93
N GLU B 146 14.18 37.78 -18.98
CA GLU B 146 13.83 36.43 -19.40
C GLU B 146 14.43 35.47 -18.38
N PRO B 147 13.64 34.48 -17.95
CA PRO B 147 14.12 33.50 -16.97
C PRO B 147 15.43 32.87 -17.41
N SER B 148 16.37 32.78 -16.49
CA SER B 148 17.67 32.19 -16.77
C SER B 148 18.26 31.61 -15.50
N GLU B 149 19.42 30.98 -15.66
CA GLU B 149 20.14 30.38 -14.54
C GLU B 149 20.44 31.42 -13.46
N LYS B 150 20.54 32.69 -13.86
CA LYS B 150 20.83 33.77 -12.94
C LYS B 150 19.78 33.94 -11.84
N ASP B 151 18.55 33.53 -12.13
CA ASP B 151 17.47 33.67 -11.16
C ASP B 151 17.60 32.72 -9.98
N ALA B 152 18.45 31.69 -10.13
CA ALA B 152 18.65 30.74 -9.06
C ALA B 152 19.85 31.13 -8.20
N LEU B 153 20.57 32.16 -8.62
CA LEU B 153 21.74 32.63 -7.88
C LEU B 153 21.36 33.68 -6.84
N GLN B 154 20.55 33.26 -5.87
CA GLN B 154 20.11 34.14 -4.80
C GLN B 154 20.64 33.60 -3.48
N PRO B 155 20.97 34.48 -2.53
CA PRO B 155 21.47 34.01 -1.24
C PRO B 155 20.33 33.31 -0.50
N GLY B 156 20.64 32.24 0.23
CA GLY B 156 19.63 31.50 0.96
C GLY B 156 18.71 32.38 1.80
N ARG B 157 19.21 33.55 2.15
CA ARG B 157 18.46 34.53 2.94
C ARG B 157 17.15 34.94 2.25
N ASN B 158 17.05 34.71 0.93
CA ASN B 158 15.88 35.09 0.16
C ASN B 158 14.85 33.97 -0.01
N LEU B 159 15.10 32.81 0.58
CA LEU B 159 14.17 31.70 0.47
C LEU B 159 12.75 31.99 0.98
N VAL B 160 11.76 31.53 0.22
CA VAL B 160 10.35 31.68 0.56
C VAL B 160 9.91 30.44 1.34
N ALA B 161 10.49 29.31 0.97
CA ALA B 161 10.19 28.05 1.63
C ALA B 161 11.29 27.08 1.26
N ALA B 162 11.51 26.11 2.15
CA ALA B 162 12.52 25.09 1.94
C ALA B 162 12.23 23.91 2.84
N GLY B 163 12.87 22.78 2.55
CA GLY B 163 12.64 21.61 3.35
C GLY B 163 13.16 20.36 2.69
N TYR B 164 12.68 19.22 3.18
CA TYR B 164 13.13 17.96 2.62
C TYR B 164 12.20 16.81 2.95
N ALA B 165 12.39 15.73 2.22
CA ALA B 165 11.63 14.52 2.44
C ALA B 165 12.67 13.47 2.79
N LEU B 166 12.49 12.81 3.93
CA LEU B 166 13.41 11.78 4.35
C LEU B 166 12.73 10.45 4.09
N TYR B 167 13.37 9.60 3.30
CA TYR B 167 12.83 8.29 3.02
C TYR B 167 13.59 7.31 3.90
N GLY B 168 13.24 7.27 5.19
CA GLY B 168 13.91 6.39 6.13
C GLY B 168 13.02 5.26 6.60
N SER B 169 13.05 4.97 7.90
CA SER B 169 12.20 3.90 8.44
C SER B 169 10.75 4.22 8.05
N ALA B 170 10.46 5.52 7.97
CA ALA B 170 9.16 6.00 7.53
C ALA B 170 9.49 7.22 6.67
N THR B 171 8.52 7.71 5.91
CA THR B 171 8.74 8.88 5.09
C THR B 171 8.16 10.13 5.76
N MET B 172 9.01 11.13 5.94
CA MET B 172 8.58 12.38 6.55
C MET B 172 9.03 13.58 5.72
N LEU B 173 8.16 14.59 5.65
CA LEU B 173 8.49 15.79 4.93
C LEU B 173 8.57 16.95 5.92
N VAL B 174 9.73 17.60 5.96
CA VAL B 174 9.93 18.73 6.84
C VAL B 174 9.81 19.98 5.98
N LEU B 175 8.85 20.83 6.32
CA LEU B 175 8.66 22.06 5.55
C LEU B 175 8.92 23.28 6.42
N ALA B 176 9.75 24.19 5.90
CA ALA B 176 10.09 25.40 6.63
C ALA B 176 9.71 26.65 5.85
N MET B 177 9.14 27.62 6.57
CA MET B 177 8.73 28.89 5.99
C MET B 177 8.95 29.93 7.06
N ASP B 178 8.60 31.18 6.75
CA ASP B 178 8.77 32.25 7.71
C ASP B 178 8.09 31.95 9.06
N CYS B 179 6.94 31.28 9.02
CA CYS B 179 6.21 30.96 10.24
C CYS B 179 6.78 29.79 11.06
N GLY B 180 7.90 29.21 10.61
CA GLY B 180 8.49 28.12 11.35
C GLY B 180 8.63 26.80 10.60
N VAL B 181 8.98 25.76 11.36
CA VAL B 181 9.18 24.43 10.78
C VAL B 181 8.08 23.45 11.21
N ASN B 182 7.60 22.67 10.26
CA ASN B 182 6.57 21.67 10.57
C ASN B 182 6.91 20.34 9.93
N CYS B 183 6.66 19.26 10.67
CA CYS B 183 6.95 17.92 10.19
C CYS B 183 5.71 17.10 9.88
N PHE B 184 5.71 16.46 8.71
CA PHE B 184 4.58 15.66 8.28
C PHE B 184 4.99 14.22 8.02
N MET B 185 4.20 13.28 8.54
CA MET B 185 4.47 11.87 8.37
C MET B 185 3.61 11.33 7.24
N LEU B 186 4.22 10.63 6.30
CA LEU B 186 3.45 10.06 5.19
C LEU B 186 2.77 8.76 5.63
N ASP B 187 1.44 8.73 5.59
CA ASP B 187 0.68 7.52 5.94
C ASP B 187 0.47 6.73 4.64
N PRO B 188 1.26 5.67 4.44
CA PRO B 188 1.17 4.83 3.24
C PRO B 188 -0.23 4.26 2.96
N ALA B 189 -1.03 4.09 4.00
CA ALA B 189 -2.37 3.54 3.84
C ALA B 189 -3.29 4.46 3.02
N ILE B 190 -3.14 5.76 3.17
CA ILE B 190 -3.98 6.70 2.45
C ILE B 190 -3.21 7.74 1.64
N GLY B 191 -1.90 7.55 1.51
CA GLY B 191 -1.10 8.48 0.75
C GLY B 191 -1.34 9.91 1.16
N GLU B 192 -1.27 10.16 2.47
CA GLU B 192 -1.50 11.50 3.00
C GLU B 192 -0.41 11.86 4.01
N PHE B 193 0.06 13.10 3.93
CA PHE B 193 1.08 13.61 4.85
C PHE B 193 0.36 14.16 6.06
N ILE B 194 0.60 13.55 7.22
CA ILE B 194 -0.06 13.96 8.45
C ILE B 194 0.86 14.81 9.31
N LEU B 195 0.38 15.97 9.74
CA LEU B 195 1.16 16.86 10.58
C LEU B 195 1.32 16.18 11.94
N VAL B 196 2.56 15.94 12.34
CA VAL B 196 2.80 15.30 13.63
C VAL B 196 3.70 16.11 14.57
N ASP B 197 4.22 17.22 14.07
CA ASP B 197 5.10 18.09 14.84
C ASP B 197 4.97 19.53 14.38
N LYS B 198 4.31 20.35 15.19
CA LYS B 198 4.08 21.75 14.88
C LYS B 198 5.16 22.66 15.42
N ASP B 199 5.49 23.69 14.66
CA ASP B 199 6.49 24.69 15.03
C ASP B 199 7.67 24.09 15.78
N VAL B 200 8.39 23.20 15.10
CA VAL B 200 9.54 22.51 15.67
C VAL B 200 10.72 23.43 16.00
N LYS B 201 11.36 23.15 17.13
CA LYS B 201 12.53 23.91 17.58
C LYS B 201 13.62 22.95 18.01
N ILE B 202 14.83 23.17 17.52
CA ILE B 202 15.93 22.29 17.87
C ILE B 202 16.45 22.59 19.28
N LYS B 203 17.00 21.58 19.92
CA LYS B 203 17.55 21.71 21.25
C LYS B 203 18.63 22.79 21.24
N LYS B 204 18.76 23.52 22.35
CA LYS B 204 19.76 24.56 22.46
C LYS B 204 21.16 23.95 22.37
N LYS B 205 21.30 22.75 22.92
CA LYS B 205 22.58 22.05 22.91
C LYS B 205 22.34 20.55 22.82
N GLY B 206 23.14 19.88 22.00
CA GLY B 206 22.99 18.43 21.84
C GLY B 206 24.12 17.64 22.46
N LYS B 207 24.13 16.33 22.18
CA LYS B 207 25.14 15.41 22.71
C LYS B 207 25.70 14.53 21.60
N ILE B 208 25.44 14.91 20.36
CA ILE B 208 25.92 14.14 19.20
C ILE B 208 26.61 15.01 18.17
N TYR B 209 27.72 14.52 17.62
CA TYR B 209 28.42 15.26 16.58
C TYR B 209 28.44 14.33 15.39
N SER B 210 28.35 14.90 14.18
CA SER B 210 28.29 14.10 12.97
C SER B 210 29.13 14.64 11.81
N LEU B 211 30.04 13.81 11.32
CA LEU B 211 30.91 14.15 10.19
C LEU B 211 31.74 12.91 9.84
N ASN B 212 32.22 12.85 8.61
CA ASN B 212 33.03 11.72 8.15
C ASN B 212 34.44 11.90 8.73
N GLU B 213 34.75 11.14 9.79
CA GLU B 213 36.06 11.24 10.41
C GLU B 213 37.17 10.57 9.58
N GLY B 214 36.79 9.97 8.46
CA GLY B 214 37.78 9.34 7.61
C GLY B 214 38.66 10.40 6.97
N TYR B 215 38.19 11.64 7.02
CA TYR B 215 38.89 12.79 6.46
C TYR B 215 39.84 13.41 7.49
N ALA B 216 39.92 12.83 8.68
CA ALA B 216 40.77 13.35 9.76
C ALA B 216 42.11 13.90 9.27
N LYS B 217 42.82 13.08 8.52
CA LYS B 217 44.13 13.43 7.96
C LYS B 217 44.14 14.80 7.27
N ASP B 218 43.04 15.13 6.58
CA ASP B 218 42.93 16.39 5.84
C ASP B 218 42.16 17.48 6.57
N PHE B 219 41.71 17.20 7.78
CA PHE B 219 40.93 18.17 8.54
C PHE B 219 41.63 19.49 8.77
N ASP B 220 40.84 20.56 8.78
CA ASP B 220 41.34 21.89 9.05
C ASP B 220 41.65 21.83 10.56
N PRO B 221 42.68 22.53 11.02
CA PRO B 221 43.03 22.51 12.45
C PRO B 221 41.86 22.80 13.41
N ALA B 222 41.00 23.74 13.04
CA ALA B 222 39.86 24.08 13.87
C ALA B 222 38.91 22.89 14.01
N VAL B 223 38.72 22.16 12.92
CA VAL B 223 37.85 21.01 12.93
C VAL B 223 38.48 19.93 13.82
N THR B 224 39.78 19.73 13.67
CA THR B 224 40.48 18.73 14.47
C THR B 224 40.30 19.00 15.96
N GLU B 225 40.56 20.24 16.38
CA GLU B 225 40.42 20.61 17.78
C GLU B 225 38.99 20.45 18.28
N TYR B 226 38.02 20.91 17.49
CA TYR B 226 36.62 20.80 17.90
C TYR B 226 36.20 19.37 18.16
N ILE B 227 36.50 18.49 17.21
CA ILE B 227 36.15 17.09 17.35
C ILE B 227 36.85 16.54 18.60
N GLN B 228 38.07 17.01 18.81
CA GLN B 228 38.88 16.59 19.95
C GLN B 228 38.17 16.95 21.27
N ARG B 229 37.53 18.12 21.28
CA ARG B 229 36.81 18.59 22.47
C ARG B 229 35.55 17.77 22.71
N LYS B 230 34.99 17.21 21.64
CA LYS B 230 33.79 16.40 21.74
C LYS B 230 34.11 15.03 22.32
N LYS B 231 35.30 14.52 21.99
CA LYS B 231 35.74 13.20 22.47
C LYS B 231 36.39 13.29 23.86
N PHE B 232 37.14 14.37 24.07
CA PHE B 232 37.82 14.61 25.35
C PHE B 232 37.41 15.98 25.89
N PRO B 233 36.18 16.09 26.42
CA PRO B 233 35.52 17.28 26.99
C PRO B 233 36.26 18.15 28.00
N PRO B 234 36.43 19.44 27.65
CA PRO B 234 37.09 20.52 28.40
C PRO B 234 36.56 20.75 29.80
N ASP B 235 35.27 20.54 29.99
CA ASP B 235 34.68 20.74 31.31
C ASP B 235 34.38 19.38 31.93
N ASN B 236 35.15 18.38 31.52
CA ASN B 236 35.00 17.02 32.02
C ASN B 236 33.54 16.61 31.97
N SER B 237 32.89 17.00 30.88
CA SER B 237 31.49 16.64 30.68
C SER B 237 31.56 15.34 29.91
N ALA B 238 30.47 14.57 29.90
CA ALA B 238 30.44 13.32 29.14
C ALA B 238 30.67 13.60 27.65
N PRO B 239 31.49 12.75 27.00
CA PRO B 239 31.77 12.92 25.57
C PRO B 239 30.48 12.79 24.74
N TYR B 240 30.45 13.49 23.60
CA TYR B 240 29.32 13.43 22.68
C TYR B 240 29.35 12.07 21.99
N GLY B 241 28.18 11.59 21.59
CA GLY B 241 28.14 10.33 20.86
C GLY B 241 28.34 10.69 19.40
N ALA B 242 28.82 9.75 18.59
CA ALA B 242 29.05 10.00 17.16
C ALA B 242 28.06 9.25 16.29
N ARG B 243 27.63 9.89 15.22
CA ARG B 243 26.70 9.28 14.27
C ARG B 243 26.98 9.88 12.91
N TYR B 244 27.14 9.02 11.90
CA TYR B 244 27.36 9.52 10.53
C TYR B 244 26.79 8.51 9.56
N VAL B 245 25.59 8.82 9.05
CA VAL B 245 24.91 7.94 8.12
C VAL B 245 25.50 8.00 6.72
N GLY B 246 25.90 9.19 6.30
CA GLY B 246 26.45 9.35 4.97
C GLY B 246 25.45 9.98 4.02
N SER B 247 24.22 10.11 4.46
CA SER B 247 23.16 10.74 3.67
C SER B 247 22.83 12.04 4.39
N MET B 248 23.05 13.16 3.72
CA MET B 248 22.79 14.43 4.37
C MET B 248 21.39 14.54 4.97
N VAL B 249 20.38 14.11 4.22
CA VAL B 249 19.01 14.21 4.75
C VAL B 249 18.86 13.46 6.07
N ALA B 250 19.43 12.27 6.16
CA ALA B 250 19.32 11.49 7.39
C ALA B 250 20.09 12.15 8.52
N ASP B 251 21.35 12.49 8.28
CA ASP B 251 22.15 13.12 9.31
C ASP B 251 21.56 14.46 9.77
N VAL B 252 21.07 15.26 8.84
CA VAL B 252 20.50 16.55 9.20
C VAL B 252 19.20 16.38 9.98
N HIS B 253 18.38 15.42 9.57
CA HIS B 253 17.11 15.22 10.26
C HIS B 253 17.37 14.78 11.69
N ARG B 254 18.32 13.86 11.88
CA ARG B 254 18.63 13.40 13.23
C ARG B 254 19.07 14.59 14.08
N THR B 255 19.87 15.47 13.48
CA THR B 255 20.35 16.65 14.19
C THR B 255 19.18 17.54 14.61
N LEU B 256 18.20 17.68 13.73
CA LEU B 256 17.01 18.49 14.02
C LEU B 256 16.20 17.89 15.18
N VAL B 257 15.93 16.59 15.10
CA VAL B 257 15.14 15.90 16.11
C VAL B 257 15.83 15.71 17.45
N TYR B 258 17.09 15.28 17.45
CA TYR B 258 17.83 15.06 18.68
C TYR B 258 18.78 16.18 19.07
N GLY B 259 18.95 17.14 18.19
CA GLY B 259 19.88 18.22 18.48
C GLY B 259 21.30 17.73 18.26
N GLY B 260 22.26 18.63 18.36
CA GLY B 260 23.64 18.26 18.15
C GLY B 260 24.27 19.05 17.01
N ILE B 261 25.24 18.46 16.34
CA ILE B 261 25.89 19.17 15.25
C ILE B 261 26.32 18.27 14.11
N PHE B 262 26.17 18.80 12.90
CA PHE B 262 26.53 18.09 11.67
C PHE B 262 27.59 18.92 10.95
N LEU B 263 28.63 18.25 10.45
CA LEU B 263 29.70 18.93 9.74
C LEU B 263 30.16 18.25 8.46
N TYR B 264 30.46 19.07 7.47
CA TYR B 264 31.03 18.65 6.19
C TYR B 264 31.79 19.92 5.82
N PRO B 265 32.90 20.16 6.52
CA PRO B 265 33.79 21.31 6.37
C PRO B 265 34.74 21.23 5.20
N ALA B 266 35.47 22.32 5.00
CA ALA B 266 36.45 22.42 3.95
C ALA B 266 37.73 21.84 4.53
N ASN B 267 38.54 21.24 3.68
CA ASN B 267 39.80 20.67 4.14
C ASN B 267 40.94 21.14 3.23
N LYS B 268 42.00 20.35 3.17
CA LYS B 268 43.14 20.73 2.34
C LYS B 268 42.82 20.62 0.85
N LYS B 269 42.08 19.59 0.45
CA LYS B 269 41.74 19.41 -0.96
C LYS B 269 40.42 20.04 -1.40
N SER B 270 39.51 20.23 -0.45
CA SER B 270 38.21 20.83 -0.74
C SER B 270 38.03 22.15 0.01
N PRO B 271 38.75 23.20 -0.40
CA PRO B 271 38.67 24.52 0.23
C PRO B 271 37.28 25.16 0.20
N ASN B 272 36.38 24.59 -0.58
CA ASN B 272 35.03 25.11 -0.67
C ASN B 272 34.02 24.09 -0.20
N GLY B 273 34.51 23.03 0.44
CA GLY B 273 33.62 22.00 0.93
C GLY B 273 33.27 21.00 -0.15
N LYS B 274 32.33 20.11 0.17
CA LYS B 274 31.92 19.08 -0.78
C LYS B 274 30.42 19.17 -1.12
N LEU B 275 29.60 19.56 -0.15
CA LEU B 275 28.17 19.66 -0.44
C LEU B 275 27.87 20.88 -1.30
N ARG B 276 26.76 20.81 -2.04
CA ARG B 276 26.35 21.89 -2.93
C ARG B 276 25.54 22.95 -2.20
N LEU B 277 25.84 24.20 -2.47
CA LEU B 277 25.18 25.31 -1.82
C LEU B 277 23.69 25.47 -2.13
N LEU B 278 23.34 25.53 -3.40
CA LEU B 278 21.93 25.73 -3.77
C LEU B 278 20.90 24.69 -3.37
N TYR B 279 21.18 23.40 -3.57
CA TYR B 279 20.17 22.40 -3.23
C TYR B 279 20.46 21.48 -2.06
N GLU B 280 21.54 21.74 -1.33
CA GLU B 280 21.85 20.91 -0.18
C GLU B 280 22.05 21.80 1.04
N CYS B 281 23.04 22.68 0.98
CA CYS B 281 23.34 23.56 2.10
C CYS B 281 22.27 24.61 2.43
N ASN B 282 21.87 25.41 1.45
CA ASN B 282 20.86 26.43 1.70
C ASN B 282 19.57 25.89 2.30
N PRO B 283 18.94 24.91 1.63
CA PRO B 283 17.69 24.36 2.17
C PRO B 283 17.82 23.94 3.64
N MET B 284 18.89 23.21 3.95
CA MET B 284 19.09 22.74 5.31
C MET B 284 19.39 23.87 6.28
N ALA B 285 20.09 24.90 5.79
CA ALA B 285 20.41 26.04 6.64
C ALA B 285 19.12 26.77 6.99
N TYR B 286 18.23 26.89 6.02
CA TYR B 286 16.96 27.57 6.23
C TYR B 286 16.12 26.83 7.26
N VAL B 287 16.06 25.51 7.14
CA VAL B 287 15.30 24.68 8.07
C VAL B 287 15.86 24.93 9.46
N MET B 288 17.18 24.79 9.58
CA MET B 288 17.84 24.98 10.86
C MET B 288 17.56 26.35 11.49
N GLU B 289 17.77 27.42 10.74
CA GLU B 289 17.52 28.73 11.34
C GLU B 289 16.06 28.94 11.72
N LYS B 290 15.13 28.43 10.92
CA LYS B 290 13.72 28.60 11.27
C LYS B 290 13.33 27.76 12.49
N ALA B 291 14.19 26.80 12.83
CA ALA B 291 13.94 25.94 13.97
C ALA B 291 14.75 26.40 15.18
N GLY B 292 15.43 27.54 15.05
CA GLY B 292 16.22 28.06 16.14
C GLY B 292 17.66 27.57 16.18
N GLY B 293 18.09 26.90 15.11
CA GLY B 293 19.44 26.40 15.03
C GLY B 293 20.33 27.32 14.20
N MET B 294 21.53 26.86 13.87
CA MET B 294 22.45 27.66 13.06
C MET B 294 23.11 26.84 11.95
N ALA B 295 23.61 27.55 10.95
CA ALA B 295 24.26 26.95 9.81
C ALA B 295 25.32 27.92 9.31
N THR B 296 26.58 27.54 9.44
CA THR B 296 27.67 28.39 9.01
C THR B 296 28.68 27.68 8.13
N THR B 297 29.43 28.46 7.37
CA THR B 297 30.48 27.93 6.51
C THR B 297 31.77 28.07 7.31
N GLY B 298 31.66 28.74 8.44
CA GLY B 298 32.82 28.97 9.29
C GLY B 298 33.13 30.45 9.23
N LYS B 299 33.07 31.02 8.02
CA LYS B 299 33.32 32.44 7.85
C LYS B 299 32.05 33.25 7.85
N GLU B 300 30.92 32.60 7.54
CA GLU B 300 29.65 33.33 7.50
C GLU B 300 28.46 32.36 7.49
N ALA B 301 27.28 32.92 7.72
CA ALA B 301 26.07 32.12 7.70
C ALA B 301 25.86 31.61 6.27
N VAL B 302 25.54 30.33 6.15
CA VAL B 302 25.32 29.72 4.85
C VAL B 302 24.34 30.52 4.01
N LEU B 303 23.24 30.95 4.61
CA LEU B 303 22.22 31.70 3.91
C LEU B 303 22.67 33.07 3.38
N ASP B 304 23.82 33.55 3.84
CA ASP B 304 24.32 34.85 3.38
C ASP B 304 25.28 34.75 2.18
N VAL B 305 25.77 33.54 1.92
CA VAL B 305 26.69 33.34 0.80
C VAL B 305 25.96 33.67 -0.50
N ILE B 306 26.58 34.54 -1.30
CA ILE B 306 26.01 34.93 -2.57
C ILE B 306 26.60 33.98 -3.62
N PRO B 307 25.77 33.12 -4.22
CA PRO B 307 26.29 32.18 -5.22
C PRO B 307 26.60 32.80 -6.57
N THR B 308 27.57 32.21 -7.26
CA THR B 308 27.98 32.67 -8.59
C THR B 308 27.84 31.52 -9.59
N ASP B 309 27.72 30.29 -9.07
CA ASP B 309 27.56 29.08 -9.89
C ASP B 309 26.51 28.16 -9.26
N ILE B 310 25.50 27.77 -10.04
CA ILE B 310 24.43 26.92 -9.50
C ILE B 310 24.87 25.64 -8.82
N HIS B 311 26.08 25.17 -9.15
CA HIS B 311 26.57 23.93 -8.55
C HIS B 311 27.76 24.14 -7.65
N GLN B 312 28.02 25.38 -7.25
CA GLN B 312 29.17 25.62 -6.39
C GLN B 312 29.02 24.93 -5.06
N ARG B 313 30.15 24.53 -4.49
CA ARG B 313 30.16 23.85 -3.21
C ARG B 313 30.28 24.85 -2.08
N ALA B 314 29.96 24.41 -0.86
CA ALA B 314 30.06 25.27 0.30
C ALA B 314 30.25 24.40 1.53
N PRO B 315 31.16 24.80 2.43
CA PRO B 315 31.36 23.99 3.64
C PRO B 315 30.14 24.27 4.51
N VAL B 316 29.86 23.38 5.46
CA VAL B 316 28.70 23.62 6.29
C VAL B 316 28.77 22.96 7.68
N ILE B 317 28.50 23.75 8.70
CA ILE B 317 28.46 23.28 10.08
C ILE B 317 27.10 23.77 10.58
N LEU B 318 26.21 22.84 10.92
CA LEU B 318 24.88 23.20 11.37
C LEU B 318 24.39 22.40 12.58
N GLY B 319 23.28 22.83 13.17
CA GLY B 319 22.74 22.13 14.32
C GLY B 319 22.36 23.05 15.46
N SER B 320 22.39 22.52 16.68
CA SER B 320 22.05 23.28 17.87
C SER B 320 22.93 24.53 17.98
N PRO B 321 22.32 25.67 18.33
CA PRO B 321 23.06 26.94 18.46
C PRO B 321 24.30 26.88 19.36
N ASP B 322 24.16 26.36 20.57
CA ASP B 322 25.31 26.29 21.48
C ASP B 322 26.45 25.49 20.89
N ASP B 323 26.10 24.43 20.16
CA ASP B 323 27.10 23.57 19.52
C ASP B 323 27.81 24.27 18.37
N VAL B 324 27.05 24.98 17.54
CA VAL B 324 27.64 25.67 16.41
C VAL B 324 28.48 26.84 16.91
N LEU B 325 27.97 27.56 17.91
CA LEU B 325 28.70 28.69 18.48
C LEU B 325 30.05 28.17 19.00
N GLU B 326 30.02 27.02 19.66
CA GLU B 326 31.23 26.45 20.21
C GLU B 326 32.20 26.17 19.07
N PHE B 327 31.69 25.64 17.96
CA PHE B 327 32.56 25.35 16.83
C PHE B 327 33.19 26.66 16.35
N LEU B 328 32.37 27.67 16.22
CA LEU B 328 32.83 28.97 15.76
C LEU B 328 33.90 29.56 16.69
N LYS B 329 33.84 29.23 17.96
CA LYS B 329 34.83 29.73 18.91
C LYS B 329 36.17 29.11 18.54
N VAL B 330 36.16 27.80 18.31
CA VAL B 330 37.39 27.09 17.95
C VAL B 330 37.87 27.62 16.60
N TYR B 331 36.94 27.75 15.65
CA TYR B 331 37.29 28.23 14.32
C TYR B 331 38.02 29.56 14.42
N GLU B 332 37.47 30.48 15.21
CA GLU B 332 38.08 31.79 15.36
C GLU B 332 39.47 31.70 15.99
N LYS B 333 39.64 30.78 16.94
CA LYS B 333 40.94 30.62 17.58
C LYS B 333 41.99 30.25 16.54
N HIS B 334 41.57 29.69 15.42
CA HIS B 334 42.52 29.31 14.38
C HIS B 334 42.51 30.26 13.20
N SER B 335 41.99 31.47 13.40
CA SER B 335 41.94 32.47 12.34
C SER B 335 42.62 33.76 12.77
N ASP C 9 -6.01 -18.34 17.23
CA ASP C 9 -4.72 -18.42 16.49
C ASP C 9 -4.89 -17.94 15.04
N VAL C 10 -4.17 -16.90 14.68
CA VAL C 10 -4.24 -16.36 13.32
C VAL C 10 -3.76 -17.40 12.32
N ASN C 11 -4.32 -17.36 11.13
CA ASN C 11 -3.91 -18.30 10.10
C ASN C 11 -3.84 -17.56 8.75
N THR C 12 -2.83 -17.89 7.96
CA THR C 12 -2.67 -17.26 6.67
C THR C 12 -2.84 -18.32 5.59
N LEU C 13 -3.05 -17.89 4.35
CA LEU C 13 -3.21 -18.85 3.27
C LEU C 13 -1.96 -19.72 3.15
N THR C 14 -0.79 -19.10 3.24
CA THR C 14 0.47 -19.81 3.16
C THR C 14 0.59 -20.90 4.23
N ARG C 15 0.32 -20.55 5.48
CA ARG C 15 0.40 -21.50 6.57
C ARG C 15 -0.61 -22.63 6.39
N PHE C 16 -1.84 -22.26 6.02
CA PHE C 16 -2.93 -23.22 5.80
C PHE C 16 -2.57 -24.23 4.72
N VAL C 17 -2.08 -23.72 3.60
CA VAL C 17 -1.71 -24.58 2.48
C VAL C 17 -0.56 -25.52 2.83
N MET C 18 0.47 -24.99 3.48
CA MET C 18 1.62 -25.79 3.86
C MET C 18 1.19 -26.91 4.78
N GLU C 19 0.27 -26.61 5.69
CA GLU C 19 -0.23 -27.60 6.64
C GLU C 19 -0.96 -28.73 5.94
N GLU C 20 -1.88 -28.37 5.06
CA GLU C 20 -2.64 -29.36 4.32
C GLU C 20 -1.71 -30.21 3.48
N GLY C 21 -0.71 -29.56 2.88
CA GLY C 21 0.24 -30.27 2.06
C GLY C 21 1.04 -31.25 2.91
N ARG C 22 1.44 -30.79 4.09
CA ARG C 22 2.22 -31.63 4.99
C ARG C 22 1.42 -32.88 5.38
N LYS C 23 0.12 -32.73 5.57
CA LYS C 23 -0.74 -33.85 5.93
C LYS C 23 -0.88 -34.85 4.77
N ALA C 24 -1.00 -34.34 3.55
CA ALA C 24 -1.15 -35.21 2.38
C ALA C 24 0.05 -36.14 2.24
N ARG C 25 1.17 -35.77 2.84
CA ARG C 25 2.38 -36.59 2.78
C ARG C 25 2.81 -36.92 1.35
N GLY C 26 2.86 -35.91 0.50
CA GLY C 26 3.27 -36.11 -0.89
C GLY C 26 4.58 -35.43 -1.20
N THR C 27 4.75 -35.00 -2.44
CA THR C 27 5.97 -34.34 -2.89
C THR C 27 6.04 -32.87 -2.46
N GLY C 28 4.88 -32.27 -2.21
CA GLY C 28 4.85 -30.86 -1.83
C GLY C 28 4.64 -29.99 -3.06
N GLU C 29 4.41 -30.63 -4.19
CA GLU C 29 4.21 -29.93 -5.45
C GLU C 29 2.96 -29.04 -5.45
N LEU C 30 1.82 -29.58 -5.04
CA LEU C 30 0.60 -28.79 -5.02
C LEU C 30 0.79 -27.55 -4.15
N THR C 31 1.56 -27.69 -3.07
CA THR C 31 1.82 -26.58 -2.17
C THR C 31 2.48 -25.45 -2.95
N GLN C 32 3.49 -25.80 -3.74
CA GLN C 32 4.21 -24.82 -4.54
C GLN C 32 3.29 -24.21 -5.59
N LEU C 33 2.41 -25.03 -6.15
CA LEU C 33 1.49 -24.54 -7.17
C LEU C 33 0.57 -23.50 -6.52
N LEU C 34 -0.03 -23.85 -5.38
CA LEU C 34 -0.94 -22.94 -4.69
C LEU C 34 -0.22 -21.66 -4.24
N ASN C 35 1.00 -21.80 -3.75
CA ASN C 35 1.77 -20.64 -3.32
C ASN C 35 1.96 -19.69 -4.50
N SER C 36 2.35 -20.24 -5.64
CA SER C 36 2.56 -19.43 -6.83
C SER C 36 1.26 -18.76 -7.29
N LEU C 37 0.16 -19.48 -7.20
CA LEU C 37 -1.13 -18.93 -7.60
C LEU C 37 -1.49 -17.77 -6.68
N CYS C 38 -1.25 -17.96 -5.39
CA CYS C 38 -1.52 -16.94 -4.39
C CYS C 38 -0.77 -15.65 -4.73
N THR C 39 0.50 -15.80 -5.06
CA THR C 39 1.33 -14.64 -5.40
C THR C 39 0.79 -13.96 -6.66
N ALA C 40 0.43 -14.76 -7.66
CA ALA C 40 -0.11 -14.20 -8.89
C ALA C 40 -1.38 -13.39 -8.56
N VAL C 41 -2.24 -13.96 -7.72
CA VAL C 41 -3.47 -13.29 -7.33
C VAL C 41 -3.21 -11.92 -6.67
N LYS C 42 -2.19 -11.82 -5.82
CA LYS C 42 -1.91 -10.53 -5.19
C LYS C 42 -1.42 -9.55 -6.23
N ALA C 43 -0.66 -10.05 -7.20
CA ALA C 43 -0.13 -9.22 -8.28
C ALA C 43 -1.31 -8.68 -9.10
N ILE C 44 -2.26 -9.54 -9.39
CA ILE C 44 -3.43 -9.14 -10.17
C ILE C 44 -4.21 -8.09 -9.40
N SER C 45 -4.42 -8.36 -8.11
CA SER C 45 -5.15 -7.44 -7.25
C SER C 45 -4.50 -6.06 -7.29
N SER C 46 -3.19 -6.01 -7.10
CA SER C 46 -2.50 -4.72 -7.12
C SER C 46 -2.76 -3.98 -8.43
N ALA C 47 -2.68 -4.68 -9.56
CA ALA C 47 -2.92 -4.05 -10.85
C ALA C 47 -4.40 -3.64 -11.02
N VAL C 48 -5.32 -4.49 -10.56
CA VAL C 48 -6.73 -4.17 -10.69
C VAL C 48 -7.10 -2.91 -9.90
N ARG C 49 -6.49 -2.71 -8.72
CA ARG C 49 -6.76 -1.51 -7.94
C ARG C 49 -6.05 -0.29 -8.51
N LYS C 50 -5.42 -0.48 -9.67
CA LYS C 50 -4.74 0.61 -10.37
C LYS C 50 -3.47 1.19 -9.76
N ALA C 51 -2.67 0.35 -9.12
CA ALA C 51 -1.41 0.81 -8.55
C ALA C 51 -0.53 1.28 -9.68
N GLY C 52 0.05 2.47 -9.52
CA GLY C 52 0.94 2.98 -10.54
C GLY C 52 0.29 3.61 -11.75
N ILE C 53 -1.04 3.74 -11.74
CA ILE C 53 -1.71 4.35 -12.88
C ILE C 53 -1.24 5.78 -13.13
N ALA C 54 -0.74 6.45 -12.10
CA ALA C 54 -0.26 7.82 -12.24
C ALA C 54 0.85 7.90 -13.30
N HIS C 55 1.68 6.85 -13.36
CA HIS C 55 2.77 6.79 -14.32
C HIS C 55 2.20 6.67 -15.72
N LEU C 56 1.06 6.00 -15.84
CA LEU C 56 0.47 5.85 -17.16
C LEU C 56 -0.08 7.19 -17.63
N TYR C 57 -0.45 8.06 -16.69
CA TYR C 57 -0.98 9.35 -17.08
C TYR C 57 0.03 10.49 -17.06
N GLY C 58 1.31 10.12 -17.12
CA GLY C 58 2.38 11.10 -17.18
C GLY C 58 2.90 11.81 -15.93
N ILE C 59 2.74 11.22 -14.76
CA ILE C 59 3.24 11.86 -13.56
C ILE C 59 4.73 12.16 -13.69
N ALA C 60 5.48 11.26 -14.33
CA ALA C 60 6.92 11.42 -14.51
C ALA C 60 7.29 11.92 -15.91
N GLY C 61 6.32 12.46 -16.64
CA GLY C 61 6.56 12.93 -17.99
C GLY C 61 6.17 11.91 -19.05
N LYS C 71 0.39 -2.74 -20.57
CA LYS C 71 -0.50 -3.66 -21.30
C LYS C 71 -1.86 -3.77 -20.61
N LYS C 72 -2.84 -4.29 -21.36
CA LYS C 72 -4.19 -4.45 -20.85
C LYS C 72 -4.20 -5.32 -19.60
N LEU C 73 -5.13 -5.02 -18.70
CA LEU C 73 -5.25 -5.73 -17.44
C LEU C 73 -5.46 -7.23 -17.59
N ASP C 74 -6.25 -7.64 -18.56
CA ASP C 74 -6.48 -9.07 -18.73
C ASP C 74 -5.24 -9.77 -19.26
N VAL C 75 -4.49 -9.12 -20.15
CA VAL C 75 -3.27 -9.72 -20.68
C VAL C 75 -2.25 -9.83 -19.56
N LEU C 76 -2.10 -8.77 -18.77
CA LEU C 76 -1.16 -8.78 -17.66
C LEU C 76 -1.52 -9.88 -16.66
N SER C 77 -2.81 -9.97 -16.33
CA SER C 77 -3.31 -10.98 -15.40
C SER C 77 -2.96 -12.37 -15.88
N ASN C 78 -3.16 -12.61 -17.17
CA ASN C 78 -2.87 -13.91 -17.74
C ASN C 78 -1.37 -14.19 -17.67
N ASP C 79 -0.57 -13.17 -17.96
CA ASP C 79 0.88 -13.33 -17.91
C ASP C 79 1.30 -13.71 -16.48
N LEU C 80 0.75 -13.02 -15.50
CA LEU C 80 1.08 -13.31 -14.10
C LEU C 80 0.79 -14.76 -13.74
N VAL C 81 -0.44 -15.20 -13.94
CA VAL C 81 -0.77 -16.59 -13.61
C VAL C 81 0.09 -17.56 -14.41
N MET C 82 0.17 -17.36 -15.73
CA MET C 82 0.95 -18.23 -16.61
C MET C 82 2.40 -18.36 -16.13
N ASN C 83 3.03 -17.22 -15.87
CA ASN C 83 4.42 -17.23 -15.44
C ASN C 83 4.62 -17.84 -14.06
N MET C 84 3.74 -17.51 -13.11
CA MET C 84 3.90 -18.07 -11.77
C MET C 84 3.67 -19.57 -11.73
N LEU C 85 2.67 -20.05 -12.48
CA LEU C 85 2.40 -21.49 -12.51
C LEU C 85 3.55 -22.25 -13.19
N LYS C 86 3.99 -21.77 -14.35
CA LYS C 86 5.08 -22.41 -15.05
C LYS C 86 6.30 -22.54 -14.14
N SER C 87 6.68 -21.42 -13.52
CA SER C 87 7.85 -21.41 -12.64
C SER C 87 7.68 -22.15 -11.31
N SER C 88 6.49 -22.69 -11.07
CA SER C 88 6.26 -23.45 -9.84
C SER C 88 6.78 -24.88 -10.01
N PHE C 89 7.02 -25.27 -11.26
CA PHE C 89 7.51 -26.60 -11.60
C PHE C 89 6.49 -27.68 -11.21
N ALA C 90 5.23 -27.25 -11.02
CA ALA C 90 4.17 -28.17 -10.61
C ALA C 90 3.10 -28.41 -11.66
N THR C 91 3.21 -27.77 -12.82
CA THR C 91 2.20 -27.93 -13.85
C THR C 91 2.77 -28.42 -15.17
N CYS C 92 1.89 -28.97 -16.02
CA CYS C 92 2.32 -29.47 -17.32
C CYS C 92 1.42 -28.95 -18.44
N VAL C 93 0.14 -28.71 -18.11
CA VAL C 93 -0.81 -28.19 -19.08
C VAL C 93 -1.64 -27.09 -18.44
N LEU C 94 -1.71 -25.95 -19.11
CA LEU C 94 -2.45 -24.79 -18.61
C LEU C 94 -3.48 -24.27 -19.61
N VAL C 95 -4.73 -24.22 -19.18
CA VAL C 95 -5.79 -23.69 -20.03
C VAL C 95 -6.28 -22.38 -19.44
N SER C 96 -6.30 -21.36 -20.30
CA SER C 96 -6.73 -20.03 -19.90
C SER C 96 -7.80 -19.51 -20.85
N GLU C 97 -8.74 -18.80 -20.27
CA GLU C 97 -9.84 -18.17 -21.00
C GLU C 97 -9.23 -17.20 -22.02
N GLU C 98 -7.99 -16.77 -21.80
CA GLU C 98 -7.29 -15.84 -22.70
C GLU C 98 -6.58 -16.45 -23.90
N ASP C 99 -6.30 -17.74 -23.86
CA ASP C 99 -5.59 -18.39 -24.97
C ASP C 99 -6.43 -19.42 -25.74
N LYS C 100 -6.37 -19.38 -27.08
CA LYS C 100 -7.13 -20.30 -27.91
C LYS C 100 -6.71 -21.76 -27.70
N HIS C 101 -5.42 -21.99 -27.55
CA HIS C 101 -4.90 -23.34 -27.34
C HIS C 101 -4.36 -23.50 -25.93
N ALA C 102 -4.36 -24.73 -25.45
CA ALA C 102 -3.84 -25.02 -24.12
C ALA C 102 -2.33 -24.77 -24.20
N ILE C 103 -1.75 -24.25 -23.14
CA ILE C 103 -0.33 -24.02 -23.12
C ILE C 103 0.35 -25.24 -22.52
N ILE C 104 1.36 -25.74 -23.22
CA ILE C 104 2.09 -26.90 -22.75
C ILE C 104 3.40 -26.40 -22.12
N VAL C 105 3.55 -26.64 -20.82
CA VAL C 105 4.72 -26.20 -20.10
C VAL C 105 5.96 -26.88 -20.67
N GLU C 106 7.04 -26.12 -20.82
CA GLU C 106 8.28 -26.68 -21.35
C GLU C 106 8.71 -27.82 -20.44
N PRO C 107 9.30 -28.88 -21.03
CA PRO C 107 9.75 -30.06 -20.29
C PRO C 107 10.50 -29.83 -18.97
N GLU C 108 11.45 -28.90 -18.93
CA GLU C 108 12.23 -28.67 -17.72
C GLU C 108 11.46 -28.02 -16.56
N LYS C 109 10.22 -27.63 -16.80
CA LYS C 109 9.41 -27.01 -15.74
C LYS C 109 8.11 -27.78 -15.52
N ARG C 110 8.00 -28.96 -16.12
CA ARG C 110 6.78 -29.76 -15.98
C ARG C 110 6.52 -30.39 -14.63
N GLY C 111 5.28 -30.24 -14.18
CA GLY C 111 4.85 -30.80 -12.92
C GLY C 111 3.69 -31.71 -13.29
N LYS C 112 3.06 -32.32 -12.29
CA LYS C 112 1.97 -33.24 -12.58
C LYS C 112 0.55 -32.66 -12.58
N TYR C 113 0.43 -31.35 -12.41
CA TYR C 113 -0.90 -30.74 -12.38
C TYR C 113 -1.31 -29.99 -13.64
N VAL C 114 -2.62 -29.99 -13.85
CA VAL C 114 -3.25 -29.33 -14.99
C VAL C 114 -4.09 -28.21 -14.37
N VAL C 115 -3.95 -26.99 -14.89
CA VAL C 115 -4.72 -25.88 -14.33
C VAL C 115 -5.55 -25.16 -15.39
N CYS C 116 -6.85 -25.03 -15.12
CA CYS C 116 -7.76 -24.33 -16.01
C CYS C 116 -8.16 -23.07 -15.24
N PHE C 117 -8.04 -21.91 -15.86
CA PHE C 117 -8.39 -20.69 -15.15
C PHE C 117 -8.83 -19.52 -16.04
N ASP C 118 -9.49 -18.56 -15.41
CA ASP C 118 -9.92 -17.35 -16.09
C ASP C 118 -9.13 -16.33 -15.27
N PRO C 119 -8.06 -15.77 -15.86
CA PRO C 119 -7.22 -14.79 -15.17
C PRO C 119 -7.94 -13.57 -14.61
N LEU C 120 -8.89 -13.03 -15.38
CA LEU C 120 -9.63 -11.85 -14.96
C LEU C 120 -11.09 -11.91 -15.41
N ASP C 121 -11.90 -12.65 -14.66
CA ASP C 121 -13.33 -12.83 -14.92
C ASP C 121 -14.09 -11.51 -14.76
N GLY C 122 -14.90 -11.18 -15.77
CA GLY C 122 -15.69 -9.96 -15.73
C GLY C 122 -14.92 -8.74 -16.22
N SER C 123 -13.75 -8.97 -16.80
CA SER C 123 -12.92 -7.87 -17.30
C SER C 123 -13.55 -7.13 -18.49
N SER C 124 -14.55 -7.75 -19.09
CA SER C 124 -15.24 -7.16 -20.24
C SER C 124 -15.93 -5.85 -19.81
N ASN C 125 -16.40 -5.81 -18.57
CA ASN C 125 -17.07 -4.62 -18.03
C ASN C 125 -16.24 -3.98 -16.91
N ILE C 126 -14.92 -3.96 -17.09
CA ILE C 126 -14.02 -3.38 -16.10
C ILE C 126 -14.03 -1.85 -16.11
N ASP C 127 -14.48 -1.26 -17.21
CA ASP C 127 -14.54 0.20 -17.36
C ASP C 127 -15.43 0.86 -16.31
N CYS C 128 -16.46 0.15 -15.88
CA CYS C 128 -17.40 0.68 -14.89
C CYS C 128 -16.96 0.37 -13.47
N LEU C 129 -15.75 -0.16 -13.33
CA LEU C 129 -15.17 -0.51 -12.04
C LEU C 129 -15.97 -1.60 -11.30
N VAL C 130 -16.68 -2.42 -12.07
CA VAL C 130 -17.45 -3.50 -11.48
C VAL C 130 -16.46 -4.54 -10.95
N SER C 131 -16.89 -5.33 -9.97
CA SER C 131 -16.04 -6.37 -9.42
C SER C 131 -15.55 -7.30 -10.51
N VAL C 132 -14.31 -7.77 -10.38
CA VAL C 132 -13.73 -8.70 -11.32
C VAL C 132 -13.04 -9.78 -10.48
N GLY C 133 -12.67 -10.89 -11.11
CA GLY C 133 -12.01 -11.94 -10.36
C GLY C 133 -11.18 -12.90 -11.18
N THR C 134 -10.59 -13.86 -10.48
CA THR C 134 -9.78 -14.89 -11.11
C THR C 134 -10.40 -16.21 -10.67
N ILE C 135 -10.72 -17.07 -11.63
CA ILE C 135 -11.32 -18.37 -11.31
C ILE C 135 -10.32 -19.44 -11.72
N PHE C 136 -10.22 -20.50 -10.93
CA PHE C 136 -9.26 -21.55 -11.23
C PHE C 136 -9.70 -22.92 -10.76
N GLY C 137 -9.26 -23.93 -11.52
CA GLY C 137 -9.56 -25.32 -11.22
C GLY C 137 -8.29 -26.13 -11.43
N ILE C 138 -7.94 -26.94 -10.44
CA ILE C 138 -6.72 -27.72 -10.52
C ILE C 138 -6.96 -29.22 -10.57
N TYR C 139 -6.37 -29.86 -11.57
CA TYR C 139 -6.49 -31.30 -11.77
C TYR C 139 -5.11 -31.94 -11.76
N ARG C 140 -5.09 -33.25 -11.52
CA ARG C 140 -3.85 -33.99 -11.53
C ARG C 140 -3.84 -34.63 -12.92
N LYS C 141 -2.73 -34.52 -13.63
CA LYS C 141 -2.66 -35.12 -14.96
C LYS C 141 -2.94 -36.61 -14.77
N LYS C 142 -4.00 -37.05 -15.45
CA LYS C 142 -4.46 -38.41 -15.39
C LYS C 142 -3.77 -39.33 -16.39
N SER C 143 -3.59 -38.84 -17.61
CA SER C 143 -2.97 -39.61 -18.67
C SER C 143 -1.45 -39.58 -18.56
N THR C 144 -0.80 -40.58 -19.12
CA THR C 144 0.67 -40.66 -19.08
C THR C 144 1.27 -40.25 -20.41
N ASP C 145 0.44 -39.85 -21.36
CA ASP C 145 0.92 -39.43 -22.67
C ASP C 145 1.64 -38.09 -22.53
N GLU C 146 2.42 -37.75 -23.54
CA GLU C 146 3.08 -36.45 -23.61
C GLU C 146 1.98 -35.44 -23.23
N PRO C 147 2.28 -34.48 -22.37
CA PRO C 147 1.25 -33.51 -21.97
C PRO C 147 0.60 -32.85 -23.18
N SER C 148 -0.73 -32.76 -23.16
CA SER C 148 -1.45 -32.11 -24.25
C SER C 148 -2.77 -31.56 -23.73
N GLU C 149 -3.52 -30.93 -24.62
CA GLU C 149 -4.80 -30.36 -24.24
C GLU C 149 -5.78 -31.39 -23.69
N LYS C 150 -5.59 -32.66 -24.07
CA LYS C 150 -6.49 -33.71 -23.60
C LYS C 150 -6.42 -33.90 -22.08
N ASP C 151 -5.33 -33.47 -21.47
CA ASP C 151 -5.16 -33.60 -20.03
C ASP C 151 -6.05 -32.67 -19.25
N ALA C 152 -6.61 -31.68 -19.94
CA ALA C 152 -7.49 -30.72 -19.30
C ALA C 152 -8.95 -31.11 -19.49
N LEU C 153 -9.18 -32.14 -20.28
CA LEU C 153 -10.54 -32.60 -20.52
C LEU C 153 -11.00 -33.65 -19.51
N GLN C 154 -11.04 -33.25 -18.26
CA GLN C 154 -11.49 -34.13 -17.19
C GLN C 154 -12.76 -33.58 -16.57
N PRO C 155 -13.68 -34.46 -16.13
CA PRO C 155 -14.91 -33.96 -15.52
C PRO C 155 -14.57 -33.28 -14.20
N GLY C 156 -15.29 -32.20 -13.88
CA GLY C 156 -15.05 -31.46 -12.66
C GLY C 156 -14.97 -32.35 -11.42
N ARG C 157 -15.56 -33.54 -11.52
CA ARG C 157 -15.57 -34.49 -10.42
C ARG C 157 -14.15 -34.91 -10.01
N ASN C 158 -13.18 -34.68 -10.89
CA ASN C 158 -11.78 -35.05 -10.65
C ASN C 158 -10.92 -33.95 -10.06
N LEU C 159 -11.52 -32.79 -9.80
CA LEU C 159 -10.78 -31.67 -9.23
C LEU C 159 -10.08 -31.96 -7.91
N VAL C 160 -8.83 -31.51 -7.80
CA VAL C 160 -8.07 -31.67 -6.57
C VAL C 160 -8.28 -30.42 -5.72
N ALA C 161 -8.44 -29.29 -6.37
CA ALA C 161 -8.67 -28.03 -5.69
C ALA C 161 -9.21 -27.04 -6.71
N ALA C 162 -9.96 -26.09 -6.22
CA ALA C 162 -10.55 -25.08 -7.08
C ALA C 162 -10.97 -23.89 -6.22
N GLY C 163 -11.22 -22.76 -6.87
CA GLY C 163 -11.62 -21.60 -6.13
C GLY C 163 -11.54 -20.34 -6.95
N TYR C 164 -11.54 -19.20 -6.28
CA TYR C 164 -11.46 -17.94 -6.99
C TYR C 164 -11.01 -16.79 -6.11
N ALA C 165 -10.64 -15.71 -6.77
CA ALA C 165 -10.22 -14.50 -6.09
C ALA C 165 -11.23 -13.47 -6.55
N LEU C 166 -11.87 -12.79 -5.60
CA LEU C 166 -12.82 -11.76 -5.94
C LEU C 166 -12.17 -10.44 -5.63
N TYR C 167 -12.07 -9.58 -6.63
CA TYR C 167 -11.47 -8.25 -6.44
C TYR C 167 -12.64 -7.28 -6.36
N GLY C 168 -13.27 -7.24 -5.19
CA GLY C 168 -14.41 -6.36 -4.98
C GLY C 168 -14.10 -5.23 -4.01
N SER C 169 -15.01 -4.93 -3.09
CA SER C 169 -14.75 -3.86 -2.13
C SER C 169 -13.42 -4.19 -1.43
N ALA C 170 -13.17 -5.49 -1.26
CA ALA C 170 -11.92 -5.98 -0.69
C ALA C 170 -11.56 -7.21 -1.54
N THR C 171 -10.34 -7.71 -1.41
CA THR C 171 -9.93 -8.87 -2.17
C THR C 171 -9.97 -10.11 -1.30
N MET C 172 -10.72 -11.10 -1.75
CA MET C 172 -10.83 -12.35 -1.02
C MET C 172 -10.58 -13.55 -1.94
N LEU C 173 -9.91 -14.56 -1.37
CA LEU C 173 -9.62 -15.77 -2.12
C LEU C 173 -10.37 -16.93 -1.47
N VAL C 174 -11.25 -17.56 -2.24
CA VAL C 174 -12.01 -18.69 -1.73
C VAL C 174 -11.33 -19.94 -2.27
N LEU C 175 -10.88 -20.80 -1.37
CA LEU C 175 -10.21 -22.03 -1.79
C LEU C 175 -11.00 -23.26 -1.35
N ALA C 176 -11.26 -24.14 -2.30
CA ALA C 176 -12.00 -25.36 -1.99
C ALA C 176 -11.19 -26.61 -2.30
N MET C 177 -11.27 -27.56 -1.38
CA MET C 177 -10.60 -28.85 -1.52
C MET C 177 -11.49 -29.90 -0.87
N ASP C 178 -11.02 -31.13 -0.86
CA ASP C 178 -11.77 -32.22 -0.27
C ASP C 178 -12.22 -31.91 1.15
N CYS C 179 -11.36 -31.24 1.90
CA CYS C 179 -11.64 -30.89 3.29
C CYS C 179 -12.64 -29.76 3.50
N GLY C 180 -13.14 -29.18 2.42
CA GLY C 180 -14.09 -28.08 2.56
C GLY C 180 -13.68 -26.77 1.92
N VAL C 181 -14.43 -25.72 2.21
CA VAL C 181 -14.18 -24.40 1.65
C VAL C 181 -13.70 -23.43 2.72
N ASN C 182 -12.70 -22.62 2.36
CA ASN C 182 -12.14 -21.66 3.29
C ASN C 182 -11.94 -20.32 2.60
N CYS C 183 -12.26 -19.25 3.31
CA CYS C 183 -12.15 -17.90 2.75
C CYS C 183 -11.04 -17.08 3.39
N PHE C 184 -10.23 -16.44 2.55
CA PHE C 184 -9.12 -15.63 3.03
C PHE C 184 -9.23 -14.20 2.55
N MET C 185 -9.00 -13.26 3.46
CA MET C 185 -9.07 -11.84 3.14
C MET C 185 -7.66 -11.32 2.90
N LEU C 186 -7.48 -10.59 1.81
CA LEU C 186 -6.17 -10.03 1.51
C LEU C 186 -5.97 -8.74 2.31
N ASP C 187 -4.96 -8.72 3.18
CA ASP C 187 -4.67 -7.52 3.95
C ASP C 187 -3.62 -6.74 3.16
N PRO C 188 -4.03 -5.67 2.47
CA PRO C 188 -3.11 -4.87 1.66
C PRO C 188 -1.93 -4.26 2.41
N ALA C 189 -2.07 -4.11 3.72
CA ALA C 189 -0.99 -3.54 4.53
C ALA C 189 0.23 -4.46 4.55
N ILE C 190 0.00 -5.77 4.55
CA ILE C 190 1.12 -6.69 4.63
C ILE C 190 1.13 -7.73 3.51
N GLY C 191 0.26 -7.55 2.53
CA GLY C 191 0.21 -8.49 1.42
C GLY C 191 0.09 -9.92 1.90
N GLU C 192 -0.85 -10.16 2.80
CA GLU C 192 -1.05 -11.49 3.34
C GLU C 192 -2.54 -11.85 3.31
N PHE C 193 -2.84 -13.09 2.93
CA PHE C 193 -4.21 -13.58 2.89
C PHE C 193 -4.51 -14.15 4.28
N ILE C 194 -5.47 -13.54 4.96
CA ILE C 194 -5.84 -13.96 6.30
C ILE C 194 -7.12 -14.79 6.29
N LEU C 195 -7.06 -15.95 6.94
CA LEU C 195 -8.20 -16.85 7.04
C LEU C 195 -9.25 -16.15 7.90
N VAL C 196 -10.44 -15.92 7.34
CA VAL C 196 -11.50 -15.27 8.09
C VAL C 196 -12.79 -16.08 8.17
N ASP C 197 -12.85 -17.17 7.42
CA ASP C 197 -14.01 -18.06 7.40
C ASP C 197 -13.58 -19.50 7.15
N LYS C 198 -13.68 -20.31 8.20
CA LYS C 198 -13.27 -21.70 8.17
C LYS C 198 -14.43 -22.63 7.82
N ASP C 199 -14.16 -23.65 7.01
CA ASP C 199 -15.14 -24.66 6.63
C ASP C 199 -16.52 -24.05 6.35
N VAL C 200 -16.58 -23.18 5.34
CA VAL C 200 -17.82 -22.49 4.97
C VAL C 200 -18.89 -23.40 4.39
N LYS C 201 -20.13 -23.12 4.78
CA LYS C 201 -21.29 -23.88 4.31
C LYS C 201 -22.38 -22.92 3.87
N ILE C 202 -22.94 -23.15 2.69
CA ILE C 202 -23.99 -22.29 2.15
C ILE C 202 -25.33 -22.55 2.84
N LYS C 203 -26.17 -21.52 2.93
CA LYS C 203 -27.48 -21.69 3.55
C LYS C 203 -28.25 -22.75 2.79
N LYS C 204 -29.09 -23.49 3.51
CA LYS C 204 -29.91 -24.54 2.89
C LYS C 204 -30.87 -23.92 1.87
N LYS C 205 -31.34 -22.71 2.17
CA LYS C 205 -32.26 -22.00 1.29
C LYS C 205 -32.02 -20.49 1.38
N GLY C 206 -32.04 -19.83 0.23
CA GLY C 206 -31.82 -18.39 0.21
C GLY C 206 -33.07 -17.60 -0.11
N LYS C 207 -32.90 -16.29 -0.30
CA LYS C 207 -33.99 -15.36 -0.61
C LYS C 207 -33.62 -14.47 -1.79
N ILE C 208 -32.60 -14.87 -2.54
CA ILE C 208 -32.15 -14.08 -3.69
C ILE C 208 -31.94 -14.96 -4.92
N TYR C 209 -32.38 -14.49 -6.08
CA TYR C 209 -32.16 -15.23 -7.31
C TYR C 209 -31.35 -14.29 -8.20
N SER C 210 -30.47 -14.86 -9.01
CA SER C 210 -29.59 -14.05 -9.85
C SER C 210 -29.40 -14.59 -11.27
N LEU C 211 -29.73 -13.76 -12.25
CA LEU C 211 -29.59 -14.10 -13.66
C LEU C 211 -29.95 -12.87 -14.50
N ASN C 212 -29.43 -12.82 -15.73
CA ASN C 212 -29.72 -11.69 -16.62
C ASN C 212 -31.13 -11.85 -17.16
N GLU C 213 -32.08 -11.10 -16.62
CA GLU C 213 -33.44 -11.22 -17.08
C GLU C 213 -33.69 -10.56 -18.43
N GLY C 214 -32.66 -9.94 -18.98
CA GLY C 214 -32.78 -9.31 -20.27
C GLY C 214 -32.97 -10.37 -21.35
N TYR C 215 -32.68 -11.62 -20.99
CA TYR C 215 -32.84 -12.75 -21.92
C TYR C 215 -34.22 -13.37 -21.79
N ALA C 216 -35.08 -12.78 -20.95
CA ALA C 216 -36.42 -13.33 -20.74
C ALA C 216 -37.06 -13.87 -22.04
N LYS C 217 -37.06 -13.04 -23.08
CA LYS C 217 -37.61 -13.40 -24.38
C LYS C 217 -37.16 -14.76 -24.87
N ASP C 218 -35.89 -15.07 -24.65
CA ASP C 218 -35.31 -16.34 -25.10
C ASP C 218 -35.24 -17.43 -24.03
N PHE C 219 -35.72 -17.17 -22.83
CA PHE C 219 -35.62 -18.19 -21.79
C PHE C 219 -36.37 -19.46 -22.06
N ASP C 220 -35.82 -20.56 -21.57
CA ASP C 220 -36.51 -21.82 -21.77
C ASP C 220 -37.69 -21.79 -20.80
N PRO C 221 -38.79 -22.46 -21.17
CA PRO C 221 -39.98 -22.48 -20.33
C PRO C 221 -39.79 -22.76 -18.85
N ALA C 222 -38.91 -23.70 -18.52
CA ALA C 222 -38.66 -24.03 -17.12
C ALA C 222 -38.03 -22.85 -16.37
N VAL C 223 -37.14 -22.13 -17.04
CA VAL C 223 -36.50 -20.97 -16.42
C VAL C 223 -37.56 -19.87 -16.23
N THR C 224 -38.42 -19.69 -17.23
CA THR C 224 -39.47 -18.69 -17.14
C THR C 224 -40.38 -18.95 -15.94
N GLU C 225 -40.84 -20.19 -15.82
CA GLU C 225 -41.73 -20.54 -14.71
C GLU C 225 -41.03 -20.40 -13.36
N TYR C 226 -39.79 -20.86 -13.27
CA TYR C 226 -39.04 -20.77 -12.03
C TYR C 226 -38.90 -19.33 -11.54
N ILE C 227 -38.46 -18.44 -12.43
CA ILE C 227 -38.31 -17.04 -12.07
C ILE C 227 -39.67 -16.48 -11.64
N GLN C 228 -40.72 -16.92 -12.34
CA GLN C 228 -42.06 -16.48 -12.03
C GLN C 228 -42.46 -16.87 -10.62
N ARG C 229 -42.00 -18.04 -10.17
CA ARG C 229 -42.31 -18.52 -8.83
C ARG C 229 -41.56 -17.72 -7.78
N LYS C 230 -40.43 -17.15 -8.16
CA LYS C 230 -39.62 -16.35 -7.25
C LYS C 230 -40.23 -14.96 -7.05
N LYS C 231 -40.87 -14.44 -8.09
CA LYS C 231 -41.49 -13.12 -8.02
C LYS C 231 -42.93 -13.21 -7.52
N PHE C 232 -43.61 -14.29 -7.89
CA PHE C 232 -44.99 -14.50 -7.49
C PHE C 232 -45.10 -15.86 -6.81
N PRO C 233 -44.53 -15.99 -5.61
CA PRO C 233 -44.60 -17.26 -4.90
C PRO C 233 -46.03 -17.79 -4.95
N PRO C 234 -46.21 -19.03 -5.42
CA PRO C 234 -47.58 -19.56 -5.46
C PRO C 234 -48.15 -19.68 -4.04
N ASP C 235 -47.25 -19.79 -3.07
CA ASP C 235 -47.64 -19.93 -1.67
C ASP C 235 -47.74 -18.56 -1.01
N ASN C 236 -47.83 -17.52 -1.84
CA ASN C 236 -47.93 -16.14 -1.38
C ASN C 236 -46.90 -15.74 -0.33
N SER C 237 -45.79 -16.43 -0.26
CA SER C 237 -44.74 -16.07 0.69
C SER C 237 -44.06 -14.82 0.11
N ALA C 238 -43.01 -14.33 0.77
CA ALA C 238 -42.32 -13.14 0.29
C ALA C 238 -41.49 -13.44 -0.96
N PRO C 239 -41.60 -12.57 -1.98
CA PRO C 239 -40.83 -12.77 -3.21
C PRO C 239 -39.34 -12.65 -2.92
N TYR C 240 -38.53 -13.35 -3.70
CA TYR C 240 -37.07 -13.30 -3.59
C TYR C 240 -36.57 -11.95 -4.11
N GLY C 241 -35.47 -11.46 -3.56
CA GLY C 241 -34.91 -10.21 -4.05
C GLY C 241 -34.05 -10.59 -5.25
N ALA C 242 -33.83 -9.65 -6.17
CA ALA C 242 -32.99 -9.94 -7.32
C ALA C 242 -31.68 -9.16 -7.29
N ARG C 243 -30.63 -9.79 -7.78
CA ARG C 243 -29.31 -9.17 -7.85
C ARG C 243 -28.57 -9.80 -9.01
N TYR C 244 -27.95 -8.97 -9.84
CA TYR C 244 -27.16 -9.49 -10.95
C TYR C 244 -26.07 -8.47 -11.27
N VAL C 245 -24.87 -8.78 -10.80
CA VAL C 245 -23.71 -7.92 -11.00
C VAL C 245 -23.17 -7.99 -12.41
N GLY C 246 -23.20 -9.19 -13.00
CA GLY C 246 -22.69 -9.36 -14.35
C GLY C 246 -21.31 -9.99 -14.34
N SER C 247 -20.73 -10.11 -13.16
CA SER C 247 -19.42 -10.72 -13.00
C SER C 247 -19.67 -12.02 -12.24
N MET C 248 -19.38 -13.16 -12.89
CA MET C 248 -19.64 -14.44 -12.23
C MET C 248 -19.05 -14.57 -10.84
N VAL C 249 -17.80 -14.15 -10.65
CA VAL C 249 -17.20 -14.24 -9.33
C VAL C 249 -18.00 -13.48 -8.28
N ALA C 250 -18.47 -12.29 -8.63
CA ALA C 250 -19.24 -11.49 -7.68
C ALA C 250 -20.57 -12.15 -7.37
N ASP C 251 -21.31 -12.49 -8.42
CA ASP C 251 -22.61 -13.12 -8.24
C ASP C 251 -22.52 -14.45 -7.50
N VAL C 252 -21.53 -15.27 -7.85
CA VAL C 252 -21.37 -16.56 -7.18
C VAL C 252 -20.98 -16.39 -5.72
N HIS C 253 -20.10 -15.44 -5.45
CA HIS C 253 -19.67 -15.24 -4.07
C HIS C 253 -20.85 -14.78 -3.19
N ARG C 254 -21.67 -13.87 -3.72
CA ARG C 254 -22.81 -13.39 -2.97
C ARG C 254 -23.72 -14.57 -2.67
N THR C 255 -23.89 -15.44 -3.65
CA THR C 255 -24.73 -16.62 -3.49
C THR C 255 -24.19 -17.52 -2.37
N LEU C 256 -22.87 -17.67 -2.30
CA LEU C 256 -22.23 -18.48 -1.28
C LEU C 256 -22.44 -17.88 0.12
N VAL C 257 -22.18 -16.59 0.25
CA VAL C 257 -22.30 -15.85 1.51
C VAL C 257 -23.74 -15.69 2.01
N TYR C 258 -24.65 -15.24 1.14
CA TYR C 258 -26.04 -15.01 1.53
C TYR C 258 -26.99 -16.13 1.16
N GLY C 259 -26.51 -17.11 0.40
CA GLY C 259 -27.39 -18.19 -0.03
C GLY C 259 -28.25 -17.70 -1.18
N GLY C 260 -29.01 -18.60 -1.79
CA GLY C 260 -29.85 -18.19 -2.90
C GLY C 260 -29.53 -18.98 -4.14
N ILE C 261 -29.74 -18.37 -5.30
CA ILE C 261 -29.49 -19.09 -6.53
C ILE C 261 -28.98 -18.20 -7.67
N PHE C 262 -28.04 -18.74 -8.44
CA PHE C 262 -27.45 -18.06 -9.58
C PHE C 262 -27.72 -18.86 -10.83
N LEU C 263 -28.13 -18.18 -11.91
CA LEU C 263 -28.40 -18.87 -13.16
C LEU C 263 -27.83 -18.19 -14.38
N TYR C 264 -27.38 -19.04 -15.31
CA TYR C 264 -26.88 -18.63 -16.61
C TYR C 264 -27.17 -19.89 -17.42
N PRO C 265 -28.46 -20.13 -17.72
CA PRO C 265 -28.98 -21.28 -18.48
C PRO C 265 -28.79 -21.10 -19.98
N ALA C 266 -29.07 -22.10 -20.79
CA ALA C 266 -28.92 -21.88 -22.22
C ALA C 266 -29.95 -20.82 -22.66
N ASN C 267 -29.72 -20.20 -23.82
CA ASN C 267 -30.62 -19.20 -24.41
C ASN C 267 -30.95 -19.87 -25.74
N LYS C 268 -31.98 -19.39 -26.42
CA LYS C 268 -32.29 -19.97 -27.72
C LYS C 268 -31.13 -19.53 -28.64
N LYS C 269 -30.40 -18.48 -28.22
CA LYS C 269 -29.27 -17.99 -29.00
C LYS C 269 -27.93 -18.61 -28.57
N SER C 270 -27.96 -19.34 -27.45
CA SER C 270 -26.78 -20.03 -26.93
C SER C 270 -27.28 -21.33 -26.30
N PRO C 271 -27.70 -22.28 -27.14
CA PRO C 271 -28.24 -23.59 -26.75
C PRO C 271 -27.38 -24.37 -25.77
N ASN C 272 -26.07 -24.15 -25.80
CA ASN C 272 -25.20 -24.86 -24.88
C ASN C 272 -24.79 -23.98 -23.69
N GLY C 273 -25.63 -23.00 -23.33
CA GLY C 273 -25.31 -22.07 -22.25
C GLY C 273 -24.32 -21.04 -22.77
N LYS C 274 -23.88 -20.13 -21.90
CA LYS C 274 -22.94 -19.10 -22.31
C LYS C 274 -21.62 -19.18 -21.53
N LEU C 275 -21.67 -19.55 -20.26
CA LEU C 275 -20.45 -19.66 -19.48
C LEU C 275 -19.63 -20.87 -19.91
N ARG C 276 -18.33 -20.81 -19.70
CA ARG C 276 -17.42 -21.89 -20.07
C ARG C 276 -17.32 -22.94 -18.97
N LEU C 277 -17.35 -24.19 -19.39
CA LEU C 277 -17.29 -25.32 -18.47
C LEU C 277 -16.00 -25.46 -17.68
N LEU C 278 -14.87 -25.47 -18.36
CA LEU C 278 -13.57 -25.65 -17.70
C LEU C 278 -13.11 -24.63 -16.67
N TYR C 279 -13.19 -23.34 -17.01
CA TYR C 279 -12.71 -22.34 -16.08
C TYR C 279 -13.74 -21.44 -15.41
N GLU C 280 -15.02 -21.70 -15.64
CA GLU C 280 -16.03 -20.89 -14.96
C GLU C 280 -17.00 -21.79 -14.22
N CYS C 281 -17.69 -22.68 -14.94
CA CYS C 281 -18.66 -23.56 -14.31
C CYS C 281 -18.11 -24.60 -13.36
N ASN C 282 -17.16 -25.41 -13.82
CA ASN C 282 -16.59 -26.43 -12.93
C ASN C 282 -16.03 -25.88 -11.62
N PRO C 283 -15.12 -24.88 -11.68
CA PRO C 283 -14.59 -24.37 -10.41
C PRO C 283 -15.70 -23.93 -9.45
N MET C 284 -16.70 -23.20 -9.94
CA MET C 284 -17.77 -22.73 -9.08
C MET C 284 -18.65 -23.87 -8.59
N ALA C 285 -18.82 -24.89 -9.41
CA ALA C 285 -19.62 -26.04 -9.02
C ALA C 285 -18.93 -26.78 -7.89
N TYR C 286 -17.60 -26.89 -8.00
CA TYR C 286 -16.81 -27.57 -6.99
C TYR C 286 -16.92 -26.84 -5.65
N VAL C 287 -16.76 -25.52 -5.67
CA VAL C 287 -16.86 -24.72 -4.46
C VAL C 287 -18.24 -24.93 -3.84
N MET C 288 -19.28 -24.80 -4.66
CA MET C 288 -20.64 -24.99 -4.19
C MET C 288 -20.87 -26.36 -3.55
N GLU C 289 -20.50 -27.44 -4.23
CA GLU C 289 -20.71 -28.75 -3.66
C GLU C 289 -19.93 -28.96 -2.36
N LYS C 290 -18.70 -28.47 -2.30
CA LYS C 290 -17.92 -28.64 -1.09
C LYS C 290 -18.47 -27.79 0.06
N ALA C 291 -19.33 -26.84 -0.27
CA ALA C 291 -19.94 -25.97 0.73
C ALA C 291 -21.36 -26.44 1.07
N GLY C 292 -21.76 -27.56 0.50
CA GLY C 292 -23.08 -28.09 0.77
C GLY C 292 -24.15 -27.61 -0.19
N GLY C 293 -23.73 -26.96 -1.27
CA GLY C 293 -24.68 -26.46 -2.25
C GLY C 293 -24.74 -27.37 -3.46
N MET C 294 -25.41 -26.91 -4.52
CA MET C 294 -25.54 -27.70 -5.75
C MET C 294 -25.23 -26.89 -7.01
N ALA C 295 -24.91 -27.60 -8.08
CA ALA C 295 -24.60 -26.98 -9.36
C ALA C 295 -25.02 -27.96 -10.44
N THR C 296 -26.03 -27.58 -11.22
CA THR C 296 -26.54 -28.45 -12.28
C THR C 296 -26.69 -27.73 -13.60
N THR C 297 -26.67 -28.50 -14.68
CA THR C 297 -26.86 -27.94 -16.02
C THR C 297 -28.34 -28.09 -16.33
N GLY C 298 -29.05 -28.78 -15.44
CA GLY C 298 -30.46 -29.02 -15.60
C GLY C 298 -30.66 -30.51 -15.86
N LYS C 299 -29.78 -31.05 -16.68
CA LYS C 299 -29.81 -32.46 -17.05
C LYS C 299 -28.90 -33.29 -16.14
N GLU C 300 -27.89 -32.65 -15.57
CA GLU C 300 -26.94 -33.34 -14.72
C GLU C 300 -26.06 -32.40 -13.93
N ALA C 301 -25.33 -32.95 -12.97
CA ALA C 301 -24.42 -32.18 -12.15
C ALA C 301 -23.30 -31.66 -13.05
N VAL C 302 -23.02 -30.36 -12.92
CA VAL C 302 -21.96 -29.72 -13.72
C VAL C 302 -20.67 -30.53 -13.66
N LEU C 303 -20.29 -30.95 -12.46
CA LEU C 303 -19.07 -31.72 -12.24
C LEU C 303 -19.02 -33.07 -12.97
N ASP C 304 -20.16 -33.58 -13.43
CA ASP C 304 -20.19 -34.86 -14.13
C ASP C 304 -20.06 -34.75 -15.64
N VAL C 305 -20.26 -33.54 -16.16
CA VAL C 305 -20.16 -33.34 -17.59
C VAL C 305 -18.75 -33.66 -18.06
N ILE C 306 -18.62 -34.54 -19.05
CA ILE C 306 -17.31 -34.88 -19.57
C ILE C 306 -17.05 -33.94 -20.74
N PRO C 307 -16.02 -33.09 -20.63
CA PRO C 307 -15.68 -32.14 -21.70
C PRO C 307 -15.03 -32.77 -22.91
N THR C 308 -15.25 -32.17 -24.08
CA THR C 308 -14.63 -32.64 -25.31
C THR C 308 -13.84 -31.48 -25.92
N ASP C 309 -14.13 -30.26 -25.47
CA ASP C 309 -13.45 -29.06 -25.96
C ASP C 309 -13.15 -28.10 -24.79
N ILE C 310 -11.89 -27.71 -24.67
CA ILE C 310 -11.46 -26.84 -23.57
C ILE C 310 -12.26 -25.56 -23.37
N HIS C 311 -12.92 -25.06 -24.42
CA HIS C 311 -13.70 -23.84 -24.29
C HIS C 311 -15.19 -24.06 -24.46
N GLN C 312 -15.65 -25.31 -24.35
CA GLN C 312 -17.07 -25.57 -24.53
C GLN C 312 -17.90 -24.88 -23.45
N ARG C 313 -19.11 -24.49 -23.83
CA ARG C 313 -20.03 -23.82 -22.92
C ARG C 313 -20.83 -24.85 -22.15
N ALA C 314 -21.46 -24.40 -21.08
CA ALA C 314 -22.30 -25.26 -20.27
C ALA C 314 -23.29 -24.41 -19.50
N PRO C 315 -24.56 -24.82 -19.46
CA PRO C 315 -25.55 -24.04 -18.71
C PRO C 315 -25.22 -24.28 -17.24
N VAL C 316 -25.68 -23.42 -16.35
CA VAL C 316 -25.40 -23.63 -14.93
C VAL C 316 -26.41 -22.99 -14.00
N ILE C 317 -26.91 -23.79 -13.06
CA ILE C 317 -27.85 -23.31 -12.03
C ILE C 317 -27.23 -23.82 -10.74
N LEU C 318 -26.81 -22.90 -9.88
CA LEU C 318 -26.17 -23.29 -8.63
C LEU C 318 -26.60 -22.45 -7.42
N GLY C 319 -26.21 -22.89 -6.23
CA GLY C 319 -26.57 -22.18 -5.02
C GLY C 319 -27.09 -23.11 -3.93
N SER C 320 -27.96 -22.57 -3.07
CA SER C 320 -28.53 -23.34 -1.98
C SER C 320 -29.24 -24.58 -2.50
N PRO C 321 -29.05 -25.73 -1.83
CA PRO C 321 -29.67 -27.00 -2.23
C PRO C 321 -31.19 -26.95 -2.43
N ASP C 322 -31.91 -26.45 -1.44
CA ASP C 322 -33.37 -26.36 -1.54
C ASP C 322 -33.79 -25.57 -2.78
N ASP C 323 -33.07 -24.50 -3.07
CA ASP C 323 -33.37 -23.66 -4.23
C ASP C 323 -33.08 -24.35 -5.55
N VAL C 324 -31.94 -25.03 -5.64
CA VAL C 324 -31.59 -25.72 -6.87
C VAL C 324 -32.54 -26.90 -7.08
N LEU C 325 -32.85 -27.63 -6.01
CA LEU C 325 -33.78 -28.77 -6.09
C LEU C 325 -35.11 -28.28 -6.63
N GLU C 326 -35.55 -27.13 -6.13
CA GLU C 326 -36.82 -26.56 -6.57
C GLU C 326 -36.74 -26.26 -8.06
N PHE C 327 -35.61 -25.72 -8.51
CA PHE C 327 -35.49 -25.43 -9.93
C PHE C 327 -35.61 -26.73 -10.70
N LEU C 328 -34.90 -27.76 -10.24
CA LEU C 328 -34.94 -29.05 -10.91
C LEU C 328 -36.33 -29.65 -10.97
N LYS C 329 -37.17 -29.31 -9.99
CA LYS C 329 -38.55 -29.80 -9.97
C LYS C 329 -39.27 -29.21 -11.17
N VAL C 330 -39.11 -27.89 -11.33
CA VAL C 330 -39.74 -27.19 -12.44
C VAL C 330 -39.16 -27.69 -13.74
N TYR C 331 -37.84 -27.84 -13.78
CA TYR C 331 -37.17 -28.32 -14.98
C TYR C 331 -37.79 -29.63 -15.42
N GLU C 332 -37.92 -30.56 -14.48
CA GLU C 332 -38.48 -31.87 -14.77
C GLU C 332 -39.90 -31.77 -15.30
N LYS C 333 -40.68 -30.89 -14.70
CA LYS C 333 -42.06 -30.70 -15.12
C LYS C 333 -42.14 -30.32 -16.60
N HIS C 334 -41.06 -29.77 -17.14
CA HIS C 334 -41.04 -29.38 -18.55
C HIS C 334 -40.21 -30.33 -19.40
N SER C 335 -39.98 -31.54 -18.90
CA SER C 335 -39.19 -32.54 -19.62
C SER C 335 -39.96 -33.84 -19.80
N ASP D 9 -0.51 16.42 -20.11
CA ASP D 9 -0.19 16.94 -18.74
C ASP D 9 -1.03 16.23 -17.67
N VAL D 10 -0.36 15.53 -16.78
CA VAL D 10 -1.01 14.79 -15.69
C VAL D 10 -1.80 15.76 -14.80
N ASN D 11 -2.92 15.32 -14.27
CA ASN D 11 -3.74 16.16 -13.42
C ASN D 11 -4.21 15.32 -12.24
N THR D 12 -4.22 15.92 -11.05
CA THR D 12 -4.67 15.22 -9.84
C THR D 12 -5.93 15.92 -9.33
N LEU D 13 -6.68 15.26 -8.45
CA LEU D 13 -7.88 15.87 -7.91
C LEU D 13 -7.52 17.16 -7.18
N THR D 14 -6.45 17.12 -6.39
CA THR D 14 -6.00 18.28 -5.66
C THR D 14 -5.69 19.47 -6.57
N ARG D 15 -4.90 19.24 -7.61
CA ARG D 15 -4.55 20.30 -8.54
C ARG D 15 -5.78 20.84 -9.26
N PHE D 16 -6.66 19.93 -9.69
CA PHE D 16 -7.89 20.29 -10.38
C PHE D 16 -8.79 21.17 -9.50
N VAL D 17 -8.99 20.74 -8.27
CA VAL D 17 -9.84 21.47 -7.33
C VAL D 17 -9.28 22.85 -7.01
N MET D 18 -7.97 22.92 -6.76
CA MET D 18 -7.34 24.19 -6.45
C MET D 18 -7.48 25.17 -7.62
N GLU D 19 -7.35 24.66 -8.84
CA GLU D 19 -7.45 25.51 -10.02
C GLU D 19 -8.87 26.07 -10.19
N GLU D 20 -9.88 25.20 -10.05
CA GLU D 20 -11.25 25.65 -10.17
C GLU D 20 -11.55 26.66 -9.06
N GLY D 21 -11.00 26.42 -7.88
CA GLY D 21 -11.20 27.32 -6.76
C GLY D 21 -10.57 28.67 -7.06
N ARG D 22 -9.37 28.64 -7.62
CA ARG D 22 -8.63 29.84 -7.98
C ARG D 22 -9.46 30.68 -8.95
N LYS D 23 -10.10 30.01 -9.90
CA LYS D 23 -10.91 30.70 -10.89
C LYS D 23 -12.15 31.36 -10.30
N ALA D 24 -12.80 30.67 -9.37
CA ALA D 24 -14.00 31.18 -8.72
C ALA D 24 -13.73 32.52 -8.02
N ARG D 25 -12.47 32.75 -7.67
CA ARG D 25 -12.06 33.98 -7.01
C ARG D 25 -12.84 34.24 -5.72
N GLY D 26 -12.93 33.22 -4.87
CA GLY D 26 -13.64 33.34 -3.61
C GLY D 26 -12.71 33.25 -2.42
N THR D 27 -13.21 32.74 -1.30
CA THR D 27 -12.42 32.61 -0.08
C THR D 27 -11.50 31.39 -0.10
N GLY D 28 -11.83 30.39 -0.91
CA GLY D 28 -11.04 29.18 -0.98
C GLY D 28 -11.58 28.13 -0.05
N GLU D 29 -12.74 28.42 0.54
CA GLU D 29 -13.37 27.53 1.48
C GLU D 29 -13.80 26.20 0.84
N LEU D 30 -14.49 26.26 -0.29
CA LEU D 30 -14.92 25.05 -0.97
C LEU D 30 -13.72 24.15 -1.31
N THR D 31 -12.59 24.77 -1.61
CA THR D 31 -11.37 24.04 -1.94
C THR D 31 -10.97 23.20 -0.73
N GLN D 32 -10.99 23.83 0.45
CA GLN D 32 -10.65 23.13 1.67
C GLN D 32 -11.65 22.02 1.98
N LEU D 33 -12.91 22.28 1.71
CA LEU D 33 -13.96 21.29 1.93
C LEU D 33 -13.67 20.08 1.04
N LEU D 34 -13.49 20.32 -0.26
CA LEU D 34 -13.23 19.24 -1.20
C LEU D 34 -11.95 18.46 -0.85
N ASN D 35 -10.90 19.17 -0.46
CA ASN D 35 -9.66 18.50 -0.10
C ASN D 35 -9.90 17.58 1.07
N SER D 36 -10.62 18.08 2.07
CA SER D 36 -10.93 17.27 3.26
C SER D 36 -11.74 16.04 2.91
N LEU D 37 -12.71 16.23 2.02
CA LEU D 37 -13.55 15.14 1.58
C LEU D 37 -12.71 14.08 0.87
N CYS D 38 -11.80 14.55 0.01
CA CYS D 38 -10.91 13.69 -0.74
C CYS D 38 -10.09 12.80 0.20
N THR D 39 -9.54 13.41 1.24
CA THR D 39 -8.74 12.69 2.21
C THR D 39 -9.61 11.66 2.93
N ALA D 40 -10.82 12.04 3.32
CA ALA D 40 -11.72 11.12 3.97
C ALA D 40 -11.99 9.91 3.07
N VAL D 41 -12.23 10.19 1.79
CA VAL D 41 -12.51 9.12 0.84
C VAL D 41 -11.34 8.13 0.73
N LYS D 42 -10.10 8.62 0.78
CA LYS D 42 -8.99 7.69 0.69
C LYS D 42 -8.91 6.86 1.96
N ALA D 43 -9.26 7.47 3.10
CA ALA D 43 -9.26 6.77 4.37
C ALA D 43 -10.32 5.66 4.35
N ILE D 44 -11.49 5.97 3.83
CA ILE D 44 -12.55 4.99 3.73
C ILE D 44 -12.11 3.86 2.81
N SER D 45 -11.53 4.22 1.67
CA SER D 45 -11.09 3.20 0.71
C SER D 45 -10.11 2.25 1.38
N SER D 46 -9.14 2.80 2.11
CA SER D 46 -8.16 1.95 2.78
C SER D 46 -8.86 0.96 3.71
N ALA D 47 -9.83 1.44 4.48
CA ALA D 47 -10.55 0.57 5.41
C ALA D 47 -11.42 -0.45 4.67
N VAL D 48 -12.05 -0.02 3.57
CA VAL D 48 -12.90 -0.92 2.81
C VAL D 48 -12.10 -2.07 2.22
N ARG D 49 -10.87 -1.81 1.77
CA ARG D 49 -10.05 -2.88 1.21
C ARG D 49 -9.45 -3.76 2.31
N LYS D 50 -9.86 -3.51 3.56
CA LYS D 50 -9.43 -4.29 4.72
C LYS D 50 -7.98 -4.16 5.17
N ALA D 51 -7.41 -2.97 5.04
CA ALA D 51 -6.04 -2.73 5.46
C ALA D 51 -5.99 -2.97 6.96
N GLY D 52 -5.01 -3.74 7.42
CA GLY D 52 -4.87 -3.99 8.84
C GLY D 52 -5.81 -5.02 9.44
N ILE D 53 -6.57 -5.73 8.61
CA ILE D 53 -7.50 -6.73 9.13
C ILE D 53 -6.75 -7.85 9.87
N ALA D 54 -5.48 -8.05 9.52
CA ALA D 54 -4.68 -9.09 10.17
C ALA D 54 -4.61 -8.85 11.68
N HIS D 55 -4.56 -7.59 12.08
CA HIS D 55 -4.51 -7.25 13.50
C HIS D 55 -5.82 -7.58 14.17
N LEU D 56 -6.90 -7.48 13.42
CA LEU D 56 -8.21 -7.82 13.98
C LEU D 56 -8.32 -9.32 14.23
N TYR D 57 -7.59 -10.10 13.44
CA TYR D 57 -7.62 -11.55 13.61
C TYR D 57 -6.46 -12.12 14.43
N GLY D 58 -5.85 -11.25 15.24
CA GLY D 58 -4.79 -11.66 16.15
C GLY D 58 -3.37 -11.88 15.67
N ILE D 59 -2.96 -11.24 14.57
CA ILE D 59 -1.59 -11.44 14.10
C ILE D 59 -0.58 -11.06 15.19
N ALA D 60 -0.90 -10.05 16.00
CA ALA D 60 -0.01 -9.62 17.07
C ALA D 60 -0.47 -10.10 18.45
N GLY D 61 -1.34 -11.10 18.46
CA GLY D 61 -1.85 -11.64 19.72
C GLY D 61 -3.22 -11.08 20.10
N LYS D 71 -17.29 -0.93 16.34
CA LYS D 71 -16.45 -1.68 15.42
C LYS D 71 -17.20 -1.90 14.09
N LYS D 72 -17.49 -0.83 13.36
CA LYS D 72 -18.20 -1.00 12.10
C LYS D 72 -17.69 -0.09 11.00
N LEU D 73 -17.60 -0.62 9.79
CA LEU D 73 -17.10 0.14 8.65
C LEU D 73 -17.96 1.38 8.36
N ASP D 74 -19.26 1.24 8.54
CA ASP D 74 -20.22 2.34 8.35
C ASP D 74 -19.95 3.47 9.31
N VAL D 75 -19.81 3.11 10.58
CA VAL D 75 -19.58 4.10 11.59
C VAL D 75 -18.25 4.75 11.43
N LEU D 76 -17.23 3.96 11.08
CA LEU D 76 -15.89 4.51 10.87
C LEU D 76 -15.92 5.49 9.69
N SER D 77 -16.59 5.08 8.60
CA SER D 77 -16.70 5.93 7.42
C SER D 77 -17.36 7.24 7.75
N ASN D 78 -18.41 7.18 8.57
CA ASN D 78 -19.13 8.39 8.93
C ASN D 78 -18.25 9.29 9.78
N ASP D 79 -17.50 8.69 10.70
CA ASP D 79 -16.61 9.46 11.56
C ASP D 79 -15.57 10.18 10.70
N LEU D 80 -15.00 9.47 9.74
CA LEU D 80 -14.00 10.06 8.85
C LEU D 80 -14.55 11.28 8.11
N VAL D 81 -15.66 11.13 7.40
CA VAL D 81 -16.24 12.27 6.69
C VAL D 81 -16.60 13.39 7.66
N MET D 82 -17.29 13.04 8.75
CA MET D 82 -17.70 14.02 9.75
C MET D 82 -16.54 14.84 10.30
N ASN D 83 -15.49 14.13 10.72
CA ASN D 83 -14.32 14.80 11.26
C ASN D 83 -13.55 15.62 10.24
N MET D 84 -13.37 15.09 9.03
CA MET D 84 -12.64 15.83 8.02
C MET D 84 -13.38 17.09 7.59
N LEU D 85 -14.70 17.00 7.43
CA LEU D 85 -15.47 18.16 7.02
C LEU D 85 -15.48 19.22 8.12
N LYS D 86 -15.76 18.81 9.35
CA LYS D 86 -15.77 19.76 10.45
C LYS D 86 -14.44 20.51 10.54
N SER D 87 -13.33 19.78 10.51
CA SER D 87 -12.01 20.38 10.60
C SER D 87 -11.57 21.18 9.37
N SER D 88 -12.41 21.20 8.33
CA SER D 88 -12.08 21.95 7.13
C SER D 88 -12.42 23.42 7.34
N PHE D 89 -13.25 23.68 8.35
CA PHE D 89 -13.71 25.04 8.67
C PHE D 89 -14.55 25.61 7.54
N ALA D 90 -15.05 24.75 6.67
CA ALA D 90 -15.84 25.18 5.52
C ALA D 90 -17.33 24.78 5.58
N THR D 91 -17.73 24.11 6.64
CA THR D 91 -19.12 23.66 6.74
C THR D 91 -19.82 24.15 8.00
N CYS D 92 -21.15 24.14 7.98
CA CYS D 92 -21.93 24.57 9.14
C CYS D 92 -22.99 23.55 9.49
N VAL D 93 -23.54 22.87 8.48
CA VAL D 93 -24.55 21.85 8.72
C VAL D 93 -24.21 20.60 7.91
N LEU D 94 -24.23 19.46 8.59
CA LEU D 94 -23.89 18.17 7.97
C LEU D 94 -25.01 17.14 8.12
N VAL D 95 -25.49 16.62 7.00
CA VAL D 95 -26.54 15.61 7.01
C VAL D 95 -25.95 14.30 6.52
N SER D 96 -26.07 13.27 7.34
CA SER D 96 -25.56 11.96 7.00
C SER D 96 -26.63 10.90 7.13
N GLU D 97 -26.61 9.97 6.18
CA GLU D 97 -27.50 8.83 6.11
C GLU D 97 -27.41 8.06 7.43
N GLU D 98 -26.31 8.25 8.17
CA GLU D 98 -26.08 7.56 9.44
C GLU D 98 -26.60 8.23 10.70
N ASP D 99 -26.95 9.50 10.61
CA ASP D 99 -27.45 10.21 11.78
C ASP D 99 -28.90 10.67 11.61
N LYS D 100 -29.69 10.46 12.66
CA LYS D 100 -31.09 10.84 12.67
C LYS D 100 -31.28 12.35 12.48
N HIS D 101 -30.45 13.12 13.17
CA HIS D 101 -30.53 14.58 13.07
C HIS D 101 -29.33 15.15 12.35
N ALA D 102 -29.53 16.34 11.78
CA ALA D 102 -28.47 17.04 11.08
C ALA D 102 -27.45 17.44 12.14
N ILE D 103 -26.17 17.37 11.79
CA ILE D 103 -25.12 17.75 12.71
C ILE D 103 -24.81 19.23 12.50
N ILE D 104 -24.82 19.99 13.60
CA ILE D 104 -24.53 21.41 13.52
C ILE D 104 -23.08 21.57 13.95
N VAL D 105 -22.24 22.06 13.04
CA VAL D 105 -20.83 22.26 13.35
C VAL D 105 -20.68 23.31 14.45
N GLU D 106 -19.76 23.06 15.38
CA GLU D 106 -19.49 23.97 16.47
C GLU D 106 -19.13 25.34 15.87
N PRO D 107 -19.55 26.43 16.52
CA PRO D 107 -19.30 27.81 16.09
C PRO D 107 -17.90 28.14 15.57
N GLU D 108 -16.88 27.71 16.30
CA GLU D 108 -15.51 28.00 15.91
C GLU D 108 -14.98 27.28 14.68
N LYS D 109 -15.77 26.37 14.12
CA LYS D 109 -15.34 25.64 12.93
C LYS D 109 -16.33 25.79 11.79
N ARG D 110 -17.28 26.70 11.95
CA ARG D 110 -18.30 26.89 10.93
C ARG D 110 -17.84 27.57 9.66
N GLY D 111 -18.29 26.99 8.55
CA GLY D 111 -17.99 27.49 7.23
C GLY D 111 -19.33 27.76 6.58
N LYS D 112 -19.33 28.18 5.33
CA LYS D 112 -20.59 28.51 4.67
C LYS D 112 -21.27 27.40 3.89
N TYR D 113 -20.72 26.20 3.91
CA TYR D 113 -21.32 25.11 3.16
C TYR D 113 -22.09 24.08 3.97
N VAL D 114 -23.06 23.48 3.30
CA VAL D 114 -23.91 22.44 3.88
C VAL D 114 -23.60 21.19 3.07
N VAL D 115 -23.35 20.08 3.76
CA VAL D 115 -23.04 18.86 3.03
C VAL D 115 -23.96 17.73 3.42
N CYS D 116 -24.53 17.07 2.41
CA CYS D 116 -25.42 15.93 2.63
C CYS D 116 -24.66 14.76 2.01
N PHE D 117 -24.54 13.67 2.74
CA PHE D 117 -23.79 12.54 2.19
C PHE D 117 -24.15 11.19 2.81
N ASP D 118 -23.81 10.14 2.09
CA ASP D 118 -23.98 8.77 2.56
C ASP D 118 -22.52 8.29 2.63
N PRO D 119 -21.98 8.18 3.85
CA PRO D 119 -20.59 7.74 4.05
C PRO D 119 -20.19 6.43 3.38
N LEU D 120 -21.07 5.44 3.41
CA LEU D 120 -20.78 4.16 2.79
C LEU D 120 -22.04 3.52 2.24
N ASP D 121 -22.39 3.94 1.03
CA ASP D 121 -23.57 3.43 0.36
C ASP D 121 -23.41 1.97 -0.05
N GLY D 122 -24.44 1.18 0.23
CA GLY D 122 -24.42 -0.23 -0.10
C GLY D 122 -23.73 -1.07 0.96
N SER D 123 -23.46 -0.48 2.12
CA SER D 123 -22.78 -1.19 3.20
C SER D 123 -23.66 -2.27 3.82
N SER D 124 -24.96 -2.23 3.53
CA SER D 124 -25.89 -3.22 4.06
C SER D 124 -25.51 -4.62 3.54
N ASN D 125 -24.88 -4.68 2.37
CA ASN D 125 -24.44 -5.93 1.77
C ASN D 125 -22.93 -5.94 1.51
N ILE D 126 -22.17 -5.27 2.38
CA ILE D 126 -20.72 -5.19 2.23
C ILE D 126 -20.05 -6.53 2.57
N ASP D 127 -20.83 -7.46 3.12
CA ASP D 127 -20.30 -8.77 3.50
C ASP D 127 -19.99 -9.70 2.33
N CYS D 128 -20.68 -9.51 1.21
CA CYS D 128 -20.43 -10.31 0.03
C CYS D 128 -19.37 -9.64 -0.83
N LEU D 129 -18.72 -8.62 -0.26
CA LEU D 129 -17.67 -7.86 -0.92
C LEU D 129 -18.16 -7.12 -2.18
N VAL D 130 -19.45 -6.80 -2.19
CA VAL D 130 -20.03 -6.08 -3.31
C VAL D 130 -19.49 -4.65 -3.25
N SER D 131 -19.45 -3.98 -4.39
CA SER D 131 -18.96 -2.61 -4.42
C SER D 131 -19.78 -1.72 -3.49
N VAL D 132 -19.10 -0.77 -2.87
CA VAL D 132 -19.75 0.20 -1.98
C VAL D 132 -19.20 1.56 -2.35
N GLY D 133 -19.83 2.62 -1.84
CA GLY D 133 -19.35 3.94 -2.16
C GLY D 133 -19.76 5.02 -1.19
N THR D 134 -19.33 6.25 -1.49
CA THR D 134 -19.66 7.41 -0.69
C THR D 134 -20.34 8.38 -1.65
N ILE D 135 -21.49 8.88 -1.28
CA ILE D 135 -22.23 9.82 -2.13
C ILE D 135 -22.29 11.13 -1.36
N PHE D 136 -22.18 12.26 -2.07
CA PHE D 136 -22.22 13.55 -1.41
C PHE D 136 -22.75 14.66 -2.29
N GLY D 137 -23.37 15.64 -1.63
CA GLY D 137 -23.93 16.80 -2.31
C GLY D 137 -23.60 18.01 -1.46
N ILE D 138 -23.09 19.05 -2.10
CA ILE D 138 -22.68 20.25 -1.39
C ILE D 138 -23.51 21.46 -1.78
N TYR D 139 -24.03 22.14 -0.77
CA TYR D 139 -24.84 23.34 -0.97
C TYR D 139 -24.22 24.49 -0.21
N ARG D 140 -24.59 25.70 -0.59
CA ARG D 140 -24.13 26.89 0.11
C ARG D 140 -25.30 27.26 1.01
N LYS D 141 -25.01 27.53 2.28
CA LYS D 141 -26.06 27.93 3.22
C LYS D 141 -26.68 29.19 2.61
N LYS D 142 -27.97 29.15 2.28
CA LYS D 142 -28.62 30.32 1.67
C LYS D 142 -29.06 31.35 2.71
N SER D 143 -29.47 30.86 3.88
CA SER D 143 -29.94 31.69 4.96
C SER D 143 -28.81 32.15 5.87
N THR D 144 -29.10 33.21 6.62
CA THR D 144 -28.13 33.79 7.52
C THR D 144 -28.48 33.36 8.93
N ASP D 145 -29.61 32.68 9.06
CA ASP D 145 -30.09 32.20 10.36
C ASP D 145 -29.14 31.28 11.05
N GLU D 146 -29.36 31.08 12.35
CA GLU D 146 -28.49 30.15 13.05
C GLU D 146 -28.57 28.86 12.25
N PRO D 147 -27.40 28.25 11.97
CA PRO D 147 -27.39 27.01 11.19
C PRO D 147 -28.30 25.96 11.79
N SER D 148 -29.11 25.32 10.95
CA SER D 148 -29.99 24.27 11.43
C SER D 148 -30.29 23.28 10.30
N GLU D 149 -31.07 22.26 10.61
CA GLU D 149 -31.42 21.24 9.64
C GLU D 149 -32.11 21.85 8.42
N LYS D 150 -32.75 23.00 8.61
CA LYS D 150 -33.46 23.66 7.51
C LYS D 150 -32.56 24.05 6.35
N ASP D 151 -31.28 24.28 6.64
CA ASP D 151 -30.34 24.67 5.60
C ASP D 151 -30.01 23.53 4.63
N ALA D 152 -30.37 22.31 5.00
CA ALA D 152 -30.09 21.17 4.14
C ALA D 152 -31.32 20.85 3.29
N LEU D 153 -32.41 21.55 3.57
CA LEU D 153 -33.65 21.35 2.84
C LEU D 153 -33.74 22.22 1.59
N GLN D 154 -32.79 22.01 0.67
CA GLN D 154 -32.76 22.75 -0.57
C GLN D 154 -32.96 21.79 -1.75
N PRO D 155 -33.61 22.27 -2.82
CA PRO D 155 -33.83 21.40 -3.98
C PRO D 155 -32.47 21.11 -4.62
N GLY D 156 -32.29 19.89 -5.12
CA GLY D 156 -31.03 19.52 -5.75
C GLY D 156 -30.58 20.52 -6.80
N ARG D 157 -31.52 21.31 -7.32
CA ARG D 157 -31.19 22.30 -8.34
C ARG D 157 -30.22 23.37 -7.80
N ASN D 158 -30.09 23.47 -6.49
CA ASN D 158 -29.19 24.45 -5.86
C ASN D 158 -27.79 23.92 -5.58
N LEU D 159 -27.51 22.67 -5.94
CA LEU D 159 -26.20 22.10 -5.68
C LEU D 159 -25.03 22.87 -6.30
N VAL D 160 -23.95 23.00 -5.52
CA VAL D 160 -22.75 23.68 -5.95
C VAL D 160 -21.80 22.62 -6.51
N ALA D 161 -21.84 21.45 -5.91
CA ALA D 161 -21.01 20.34 -6.34
C ALA D 161 -21.60 19.07 -5.75
N ALA D 162 -21.36 17.96 -6.42
CA ALA D 162 -21.87 16.68 -5.97
C ALA D 162 -21.08 15.58 -6.66
N GLY D 163 -21.18 14.37 -6.13
CA GLY D 163 -20.45 13.28 -6.74
C GLY D 163 -20.41 12.06 -5.85
N TYR D 164 -19.47 11.17 -6.13
CA TYR D 164 -19.37 9.96 -5.35
C TYR D 164 -18.02 9.28 -5.50
N ALA D 165 -17.75 8.36 -4.59
CA ALA D 165 -16.53 7.60 -4.63
C ALA D 165 -17.03 6.17 -4.73
N LEU D 166 -16.53 5.44 -5.72
CA LEU D 166 -16.91 4.05 -5.88
C LEU D 166 -15.73 3.22 -5.44
N TYR D 167 -15.96 2.35 -4.47
CA TYR D 167 -14.92 1.45 -3.96
C TYR D 167 -15.18 0.10 -4.62
N GLY D 168 -14.83 -0.02 -5.90
CA GLY D 168 -15.04 -1.26 -6.63
C GLY D 168 -13.73 -1.99 -6.94
N SER D 169 -13.59 -2.49 -8.16
CA SER D 169 -12.36 -3.18 -8.56
C SER D 169 -11.20 -2.21 -8.28
N ALA D 170 -11.49 -0.93 -8.48
CA ALA D 170 -10.54 0.14 -8.21
C ALA D 170 -11.36 1.26 -7.57
N THR D 171 -10.70 2.24 -6.97
CA THR D 171 -11.42 3.33 -6.35
C THR D 171 -11.42 4.55 -7.26
N MET D 172 -12.63 5.02 -7.59
CA MET D 172 -12.78 6.19 -8.43
C MET D 172 -13.70 7.24 -7.79
N LEU D 173 -13.33 8.50 -7.97
CA LEU D 173 -14.10 9.62 -7.45
C LEU D 173 -14.70 10.39 -8.64
N VAL D 174 -16.02 10.44 -8.72
CA VAL D 174 -16.67 11.18 -9.80
C VAL D 174 -17.13 12.52 -9.19
N LEU D 175 -16.63 13.61 -9.74
CA LEU D 175 -16.96 14.94 -9.23
C LEU D 175 -17.72 15.75 -10.27
N ALA D 176 -18.86 16.30 -9.87
CA ALA D 176 -19.64 17.10 -10.80
C ALA D 176 -19.87 18.50 -10.27
N MET D 177 -19.73 19.45 -11.19
CA MET D 177 -19.93 20.85 -10.89
C MET D 177 -20.55 21.49 -12.12
N ASP D 178 -20.75 22.79 -12.05
CA ASP D 178 -21.32 23.56 -13.14
C ASP D 178 -20.59 23.29 -14.46
N CYS D 179 -19.28 23.17 -14.38
CA CYS D 179 -18.45 22.95 -15.57
C CYS D 179 -18.46 21.53 -16.14
N GLY D 180 -19.23 20.63 -15.53
CA GLY D 180 -19.27 19.27 -16.03
C GLY D 180 -18.85 18.20 -15.03
N VAL D 181 -18.70 16.98 -15.54
CA VAL D 181 -18.33 15.82 -14.73
C VAL D 181 -16.92 15.35 -15.04
N ASN D 182 -16.15 15.04 -14.01
CA ASN D 182 -14.79 14.55 -14.18
C ASN D 182 -14.54 13.34 -13.31
N CYS D 183 -13.83 12.36 -13.84
CA CYS D 183 -13.56 11.14 -13.10
C CYS D 183 -12.08 10.99 -12.73
N PHE D 184 -11.84 10.64 -11.47
CA PHE D 184 -10.48 10.48 -10.96
C PHE D 184 -10.24 9.08 -10.41
N MET D 185 -9.12 8.49 -10.79
CA MET D 185 -8.78 7.15 -10.35
C MET D 185 -7.78 7.26 -9.20
N LEU D 186 -8.05 6.56 -8.11
CA LEU D 186 -7.16 6.57 -6.96
C LEU D 186 -5.99 5.64 -7.20
N ASP D 187 -4.77 6.19 -7.20
CA ASP D 187 -3.56 5.38 -7.38
C ASP D 187 -3.09 5.03 -5.98
N PRO D 188 -3.31 3.79 -5.54
CA PRO D 188 -2.92 3.34 -4.20
C PRO D 188 -1.42 3.46 -3.92
N ALA D 189 -0.60 3.47 -4.96
CA ALA D 189 0.84 3.56 -4.77
C ALA D 189 1.25 4.90 -4.18
N ILE D 190 0.56 5.96 -4.56
CA ILE D 190 0.92 7.29 -4.07
C ILE D 190 -0.24 8.03 -3.42
N GLY D 191 -1.35 7.33 -3.19
CA GLY D 191 -2.51 7.97 -2.57
C GLY D 191 -2.88 9.26 -3.28
N GLU D 192 -3.02 9.19 -4.59
CA GLU D 192 -3.35 10.35 -5.38
C GLU D 192 -4.47 10.04 -6.37
N PHE D 193 -5.42 10.95 -6.48
CA PHE D 193 -6.52 10.79 -7.41
C PHE D 193 -6.10 11.37 -8.76
N ILE D 194 -6.01 10.51 -9.77
CA ILE D 194 -5.58 10.92 -11.09
C ILE D 194 -6.75 11.12 -12.04
N LEU D 195 -6.78 12.27 -12.71
CA LEU D 195 -7.83 12.58 -13.66
C LEU D 195 -7.67 11.64 -14.86
N VAL D 196 -8.69 10.83 -15.13
CA VAL D 196 -8.61 9.89 -16.24
C VAL D 196 -9.73 10.06 -17.26
N ASP D 197 -10.72 10.89 -16.93
CA ASP D 197 -11.85 11.16 -17.81
C ASP D 197 -12.35 12.58 -17.62
N LYS D 198 -12.08 13.44 -18.61
CA LYS D 198 -12.48 14.84 -18.56
C LYS D 198 -13.82 15.10 -19.21
N ASP D 199 -14.60 16.01 -18.63
CA ASP D 199 -15.90 16.39 -19.16
C ASP D 199 -16.69 15.21 -19.68
N VAL D 200 -16.99 14.26 -18.80
CA VAL D 200 -17.72 13.05 -19.17
C VAL D 200 -19.17 13.30 -19.60
N LYS D 201 -19.60 12.57 -20.62
CA LYS D 201 -20.97 12.66 -21.14
C LYS D 201 -21.53 11.26 -21.31
N ILE D 202 -22.74 11.05 -20.82
CA ILE D 202 -23.39 9.76 -20.91
C ILE D 202 -23.93 9.52 -22.33
N LYS D 203 -23.96 8.26 -22.73
CA LYS D 203 -24.47 7.87 -24.04
C LYS D 203 -25.91 8.38 -24.16
N LYS D 204 -26.32 8.77 -25.36
CA LYS D 204 -27.67 9.25 -25.62
C LYS D 204 -28.68 8.13 -25.34
N LYS D 205 -28.29 6.89 -25.64
CA LYS D 205 -29.15 5.74 -25.41
C LYS D 205 -28.30 4.52 -25.09
N GLY D 206 -28.73 3.75 -24.10
CA GLY D 206 -27.99 2.56 -23.71
C GLY D 206 -28.65 1.25 -24.09
N LYS D 207 -28.09 0.16 -23.60
CA LYS D 207 -28.61 -1.18 -23.89
C LYS D 207 -28.77 -1.99 -22.60
N ILE D 208 -28.75 -1.30 -21.47
CA ILE D 208 -28.85 -1.95 -20.17
C ILE D 208 -29.90 -1.28 -19.27
N TYR D 209 -30.70 -2.10 -18.60
CA TYR D 209 -31.68 -1.56 -17.66
C TYR D 209 -31.32 -2.16 -16.31
N SER D 210 -31.53 -1.37 -15.26
CA SER D 210 -31.16 -1.79 -13.91
C SER D 210 -32.19 -1.49 -12.83
N LEU D 211 -32.66 -2.53 -12.14
CA LEU D 211 -33.62 -2.38 -11.04
C LEU D 211 -33.84 -3.75 -10.41
N ASN D 212 -34.29 -3.77 -9.16
CA ASN D 212 -34.56 -5.03 -8.46
C ASN D 212 -35.86 -5.60 -8.99
N GLU D 213 -35.79 -6.60 -9.85
CA GLU D 213 -37.00 -7.19 -10.40
C GLU D 213 -37.73 -8.08 -9.41
N GLY D 214 -37.16 -8.25 -8.22
CA GLY D 214 -37.81 -9.06 -7.20
C GLY D 214 -39.07 -8.37 -6.71
N TYR D 215 -39.18 -7.08 -7.03
CA TYR D 215 -40.34 -6.28 -6.62
C TYR D 215 -41.43 -6.31 -7.69
N ALA D 216 -41.22 -7.09 -8.76
CA ALA D 216 -42.17 -7.18 -9.86
C ALA D 216 -43.63 -7.20 -9.42
N LYS D 217 -43.95 -8.08 -8.47
CA LYS D 217 -45.32 -8.19 -7.99
C LYS D 217 -45.90 -6.87 -7.50
N ASP D 218 -45.07 -5.99 -6.96
CA ASP D 218 -45.58 -4.72 -6.48
C ASP D 218 -45.27 -3.52 -7.39
N PHE D 219 -44.73 -3.81 -8.57
CA PHE D 219 -44.40 -2.76 -9.54
C PHE D 219 -45.59 -1.94 -9.96
N ASP D 220 -45.33 -0.67 -10.23
CA ASP D 220 -46.35 0.24 -10.70
C ASP D 220 -46.56 -0.22 -12.15
N PRO D 221 -47.80 -0.13 -12.66
CA PRO D 221 -48.07 -0.56 -14.04
C PRO D 221 -47.12 0.00 -15.11
N ALA D 222 -46.74 1.27 -14.98
CA ALA D 222 -45.83 1.90 -15.94
C ALA D 222 -44.47 1.21 -15.89
N VAL D 223 -44.00 0.87 -14.70
CA VAL D 223 -42.73 0.21 -14.57
C VAL D 223 -42.81 -1.18 -15.19
N THR D 224 -43.90 -1.89 -14.91
CA THR D 224 -44.07 -3.23 -15.46
C THR D 224 -44.03 -3.20 -16.99
N GLU D 225 -44.78 -2.28 -17.60
CA GLU D 225 -44.78 -2.19 -19.05
C GLU D 225 -43.42 -1.78 -19.62
N TYR D 226 -42.75 -0.83 -18.98
CA TYR D 226 -41.45 -0.40 -19.47
C TYR D 226 -40.43 -1.54 -19.47
N ILE D 227 -40.33 -2.26 -18.36
CA ILE D 227 -39.38 -3.35 -18.30
C ILE D 227 -39.77 -4.40 -19.34
N GLN D 228 -41.06 -4.55 -19.57
CA GLN D 228 -41.54 -5.51 -20.54
C GLN D 228 -41.08 -5.11 -21.95
N ARG D 229 -40.99 -3.81 -22.22
CA ARG D 229 -40.55 -3.36 -23.53
C ARG D 229 -39.04 -3.53 -23.70
N LYS D 230 -38.33 -3.60 -22.58
CA LYS D 230 -36.88 -3.78 -22.61
C LYS D 230 -36.55 -5.24 -22.90
N LYS D 231 -37.41 -6.15 -22.42
CA LYS D 231 -37.20 -7.58 -22.62
C LYS D 231 -37.81 -8.05 -23.93
N PHE D 232 -38.94 -7.46 -24.29
CA PHE D 232 -39.63 -7.81 -25.51
C PHE D 232 -39.88 -6.56 -26.34
N PRO D 233 -38.81 -6.00 -26.92
CA PRO D 233 -38.95 -4.79 -27.72
C PRO D 233 -40.04 -4.99 -28.76
N PRO D 234 -41.09 -4.16 -28.73
CA PRO D 234 -42.16 -4.31 -29.71
C PRO D 234 -41.71 -4.12 -31.15
N ASP D 235 -40.51 -3.57 -31.34
CA ASP D 235 -39.95 -3.34 -32.68
C ASP D 235 -38.97 -4.46 -33.04
N ASN D 236 -39.01 -5.54 -32.27
CA ASN D 236 -38.15 -6.69 -32.45
C ASN D 236 -36.65 -6.38 -32.50
N SER D 237 -36.27 -5.27 -31.88
CA SER D 237 -34.86 -4.91 -31.82
C SER D 237 -34.30 -5.81 -30.71
N ALA D 238 -33.00 -5.75 -30.49
CA ALA D 238 -32.39 -6.59 -29.46
C ALA D 238 -32.77 -6.14 -28.06
N PRO D 239 -33.18 -7.09 -27.21
CA PRO D 239 -33.55 -6.73 -25.85
C PRO D 239 -32.36 -6.18 -25.07
N TYR D 240 -32.66 -5.31 -24.11
CA TYR D 240 -31.64 -4.72 -23.25
C TYR D 240 -31.11 -5.78 -22.29
N GLY D 241 -29.86 -5.65 -21.89
CA GLY D 241 -29.30 -6.59 -20.93
C GLY D 241 -29.69 -6.06 -19.56
N ALA D 242 -29.73 -6.93 -18.56
CA ALA D 242 -30.09 -6.53 -17.20
C ALA D 242 -28.90 -6.57 -16.25
N ARG D 243 -28.82 -5.60 -15.36
CA ARG D 243 -27.75 -5.54 -14.36
C ARG D 243 -28.31 -4.86 -13.12
N TYR D 244 -28.09 -5.45 -11.95
CA TYR D 244 -28.54 -4.83 -10.72
C TYR D 244 -27.64 -5.29 -9.59
N VAL D 245 -26.69 -4.43 -9.23
CA VAL D 245 -25.74 -4.74 -8.17
C VAL D 245 -26.35 -4.62 -6.79
N GLY D 246 -27.23 -3.65 -6.60
CA GLY D 246 -27.86 -3.46 -5.30
C GLY D 246 -27.23 -2.31 -4.53
N SER D 247 -26.16 -1.76 -5.08
CA SER D 247 -25.47 -0.63 -4.47
C SER D 247 -25.67 0.53 -5.45
N MET D 248 -26.37 1.57 -5.04
CA MET D 248 -26.64 2.69 -5.92
C MET D 248 -25.42 3.26 -6.61
N VAL D 249 -24.34 3.45 -5.88
CA VAL D 249 -23.13 3.99 -6.48
C VAL D 249 -22.66 3.12 -7.64
N ALA D 250 -22.67 1.82 -7.45
CA ALA D 250 -22.20 0.92 -8.51
C ALA D 250 -23.14 0.97 -9.71
N ASP D 251 -24.43 0.80 -9.46
CA ASP D 251 -25.41 0.80 -10.55
C ASP D 251 -25.41 2.13 -11.30
N VAL D 252 -25.34 3.24 -10.57
CA VAL D 252 -25.35 4.53 -11.22
C VAL D 252 -24.07 4.76 -12.01
N HIS D 253 -22.94 4.35 -11.46
CA HIS D 253 -21.68 4.55 -12.20
C HIS D 253 -21.69 3.74 -13.50
N ARG D 254 -22.17 2.49 -13.46
CA ARG D 254 -22.22 1.69 -14.67
C ARG D 254 -23.09 2.41 -15.71
N THR D 255 -24.21 2.95 -15.24
CA THR D 255 -25.14 3.69 -16.09
C THR D 255 -24.44 4.86 -16.77
N LEU D 256 -23.62 5.58 -16.01
CA LEU D 256 -22.90 6.71 -16.55
C LEU D 256 -21.86 6.30 -17.60
N VAL D 257 -21.07 5.27 -17.28
CA VAL D 257 -20.03 4.79 -18.18
C VAL D 257 -20.55 4.06 -19.42
N TYR D 258 -21.48 3.13 -19.24
CA TYR D 258 -22.02 2.37 -20.37
C TYR D 258 -23.34 2.89 -20.91
N GLY D 259 -23.95 3.85 -20.23
CA GLY D 259 -25.22 4.36 -20.68
C GLY D 259 -26.31 3.39 -20.28
N GLY D 260 -27.56 3.77 -20.48
CA GLY D 260 -28.66 2.89 -20.11
C GLY D 260 -29.60 3.56 -19.13
N ILE D 261 -30.24 2.76 -18.28
CA ILE D 261 -31.19 3.31 -17.34
C ILE D 261 -31.22 2.59 -15.98
N PHE D 262 -31.37 3.37 -14.93
CA PHE D 262 -31.42 2.87 -13.57
C PHE D 262 -32.73 3.29 -12.94
N LEU D 263 -33.42 2.35 -12.29
CA LEU D 263 -34.68 2.67 -11.65
C LEU D 263 -34.83 2.14 -10.24
N TYR D 264 -35.49 2.95 -9.43
CA TYR D 264 -35.86 2.62 -8.05
C TYR D 264 -37.09 3.49 -7.89
N PRO D 265 -38.19 3.09 -8.56
CA PRO D 265 -39.48 3.75 -8.59
C PRO D 265 -40.35 3.54 -7.36
N ALA D 266 -41.47 4.24 -7.41
CA ALA D 266 -42.46 4.19 -6.36
C ALA D 266 -43.51 3.15 -6.72
N ASN D 267 -44.27 2.76 -5.71
CA ASN D 267 -45.34 1.80 -5.89
C ASN D 267 -46.41 2.09 -4.85
N LYS D 268 -47.54 1.40 -4.97
CA LYS D 268 -48.65 1.56 -4.05
C LYS D 268 -48.20 1.51 -2.59
N LYS D 269 -47.24 0.62 -2.30
CA LYS D 269 -46.72 0.46 -0.95
C LYS D 269 -45.59 1.42 -0.56
N SER D 270 -44.99 2.06 -1.55
CA SER D 270 -43.91 3.04 -1.33
C SER D 270 -44.14 4.21 -2.30
N PRO D 271 -45.18 5.01 -2.03
CA PRO D 271 -45.56 6.17 -2.85
C PRO D 271 -44.41 7.11 -3.21
N ASN D 272 -43.38 7.17 -2.37
CA ASN D 272 -42.26 8.05 -2.64
C ASN D 272 -40.95 7.36 -2.88
N GLY D 273 -40.98 6.04 -2.99
CA GLY D 273 -39.76 5.33 -3.27
C GLY D 273 -39.02 4.86 -2.04
N LYS D 274 -37.80 4.39 -2.22
CA LYS D 274 -37.01 3.92 -1.10
C LYS D 274 -35.71 4.66 -0.90
N LEU D 275 -35.11 5.16 -1.98
CA LEU D 275 -33.85 5.88 -1.86
C LEU D 275 -34.12 7.26 -1.24
N ARG D 276 -33.12 7.82 -0.57
CA ARG D 276 -33.27 9.11 0.06
C ARG D 276 -32.91 10.25 -0.88
N LEU D 277 -33.73 11.29 -0.86
CA LEU D 277 -33.56 12.45 -1.71
C LEU D 277 -32.28 13.26 -1.52
N LEU D 278 -32.01 13.67 -0.29
CA LEU D 278 -30.84 14.50 0.00
C LEU D 278 -29.46 13.94 -0.32
N TYR D 279 -29.16 12.73 0.14
CA TYR D 279 -27.83 12.19 -0.07
C TYR D 279 -27.69 11.02 -1.04
N GLU D 280 -28.76 10.66 -1.73
CA GLU D 280 -28.67 9.57 -2.71
C GLU D 280 -29.19 10.05 -4.06
N CYS D 281 -30.46 10.44 -4.10
CA CYS D 281 -31.07 10.87 -5.34
C CYS D 281 -30.54 12.17 -5.93
N ASN D 282 -30.56 13.25 -5.15
CA ASN D 282 -30.06 14.52 -5.68
C ASN D 282 -28.63 14.46 -6.20
N PRO D 283 -27.67 13.98 -5.40
CA PRO D 283 -26.29 13.93 -5.92
C PRO D 283 -26.20 13.20 -7.26
N MET D 284 -26.86 12.05 -7.37
CA MET D 284 -26.81 11.27 -8.61
C MET D 284 -27.54 11.97 -9.76
N ALA D 285 -28.61 12.66 -9.43
CA ALA D 285 -29.38 13.40 -10.45
C ALA D 285 -28.50 14.51 -11.00
N TYR D 286 -27.78 15.18 -10.11
CA TYR D 286 -26.89 16.27 -10.49
C TYR D 286 -25.80 15.77 -11.44
N VAL D 287 -25.17 14.66 -11.07
CA VAL D 287 -24.12 14.09 -11.90
C VAL D 287 -24.69 13.76 -13.28
N MET D 288 -25.82 13.07 -13.28
CA MET D 288 -26.48 12.70 -14.52
C MET D 288 -26.79 13.89 -15.42
N GLU D 289 -27.43 14.92 -14.88
CA GLU D 289 -27.76 16.08 -15.70
C GLU D 289 -26.53 16.78 -16.26
N LYS D 290 -25.50 16.90 -15.43
CA LYS D 290 -24.27 17.55 -15.87
C LYS D 290 -23.55 16.75 -16.94
N ALA D 291 -23.92 15.47 -17.04
CA ALA D 291 -23.29 14.58 -18.01
C ALA D 291 -24.19 14.41 -19.24
N GLY D 292 -25.30 15.16 -19.27
CA GLY D 292 -26.22 15.08 -20.39
C GLY D 292 -27.31 14.03 -20.25
N GLY D 293 -27.45 13.49 -19.05
CA GLY D 293 -28.47 12.48 -18.80
C GLY D 293 -29.65 13.08 -18.09
N MET D 294 -30.57 12.23 -17.62
CA MET D 294 -31.75 12.71 -16.91
C MET D 294 -32.02 11.92 -15.62
N ALA D 295 -32.79 12.55 -14.74
CA ALA D 295 -33.16 11.97 -13.45
C ALA D 295 -34.55 12.47 -13.10
N THR D 296 -35.52 11.57 -13.10
CA THR D 296 -36.91 11.95 -12.80
C THR D 296 -37.53 11.08 -11.73
N THR D 297 -38.55 11.61 -11.07
CA THR D 297 -39.27 10.87 -10.04
C THR D 297 -40.49 10.28 -10.76
N GLY D 298 -40.65 10.69 -12.00
CA GLY D 298 -41.77 10.25 -12.81
C GLY D 298 -42.70 11.44 -13.01
N LYS D 299 -42.89 12.20 -11.93
CA LYS D 299 -43.74 13.39 -11.99
C LYS D 299 -42.93 14.66 -12.25
N GLU D 300 -41.65 14.61 -11.91
CA GLU D 300 -40.80 15.78 -12.12
C GLU D 300 -39.33 15.45 -11.97
N ALA D 301 -38.49 16.39 -12.36
CA ALA D 301 -37.06 16.23 -12.24
C ALA D 301 -36.66 16.13 -10.77
N VAL D 302 -35.85 15.14 -10.45
CA VAL D 302 -35.38 14.93 -9.09
C VAL D 302 -34.86 16.23 -8.46
N LEU D 303 -34.05 16.95 -9.22
CA LEU D 303 -33.46 18.20 -8.75
C LEU D 303 -34.46 19.33 -8.43
N ASP D 304 -35.70 19.20 -8.90
CA ASP D 304 -36.70 20.24 -8.62
C ASP D 304 -37.55 19.96 -7.39
N VAL D 305 -37.50 18.73 -6.87
CA VAL D 305 -38.27 18.37 -5.69
C VAL D 305 -37.80 19.23 -4.52
N ILE D 306 -38.72 19.93 -3.86
CA ILE D 306 -38.32 20.73 -2.72
C ILE D 306 -38.55 19.87 -1.48
N PRO D 307 -37.46 19.54 -0.77
CA PRO D 307 -37.55 18.71 0.43
C PRO D 307 -38.14 19.41 1.66
N THR D 308 -38.79 18.60 2.50
CA THR D 308 -39.37 19.10 3.75
C THR D 308 -38.76 18.35 4.91
N ASP D 309 -38.15 17.20 4.63
CA ASP D 309 -37.51 16.36 5.64
C ASP D 309 -36.15 15.83 5.14
N ILE D 310 -35.10 16.06 5.91
CA ILE D 310 -33.75 15.65 5.51
C ILE D 310 -33.60 14.20 5.10
N HIS D 311 -34.49 13.33 5.58
CA HIS D 311 -34.42 11.90 5.26
C HIS D 311 -35.57 11.44 4.38
N GLN D 312 -36.30 12.36 3.78
CA GLN D 312 -37.43 11.94 2.95
C GLN D 312 -36.97 11.12 1.76
N ARG D 313 -37.83 10.18 1.37
CA ARG D 313 -37.54 9.31 0.25
C ARG D 313 -38.02 9.93 -1.05
N ALA D 314 -37.48 9.43 -2.16
CA ALA D 314 -37.87 9.93 -3.47
C ALA D 314 -37.67 8.84 -4.51
N PRO D 315 -38.64 8.66 -5.40
CA PRO D 315 -38.49 7.62 -6.42
C PRO D 315 -37.48 8.19 -7.42
N VAL D 316 -36.81 7.33 -8.19
CA VAL D 316 -35.84 7.84 -9.13
C VAL D 316 -35.61 6.96 -10.35
N ILE D 317 -35.66 7.57 -11.52
CA ILE D 317 -35.40 6.89 -12.79
C ILE D 317 -34.36 7.79 -13.45
N LEU D 318 -33.16 7.27 -13.68
CA LEU D 318 -32.10 8.09 -14.28
C LEU D 318 -31.27 7.33 -15.32
N GLY D 319 -30.44 8.07 -16.05
CA GLY D 319 -29.61 7.45 -17.07
C GLY D 319 -29.65 8.19 -18.39
N SER D 320 -29.42 7.46 -19.48
CA SER D 320 -29.43 8.03 -20.84
C SER D 320 -30.75 8.75 -21.11
N PRO D 321 -30.67 9.95 -21.71
CA PRO D 321 -31.88 10.72 -22.01
C PRO D 321 -32.96 9.98 -22.82
N ASP D 322 -32.59 9.36 -23.94
CA ASP D 322 -33.60 8.66 -24.73
C ASP D 322 -34.28 7.55 -23.93
N ASP D 323 -33.53 6.90 -23.04
CA ASP D 323 -34.08 5.83 -22.21
C ASP D 323 -35.04 6.38 -21.15
N VAL D 324 -34.66 7.49 -20.52
CA VAL D 324 -35.51 8.09 -19.49
C VAL D 324 -36.76 8.66 -20.16
N LEU D 325 -36.58 9.31 -21.30
CA LEU D 325 -37.71 9.89 -22.03
C LEU D 325 -38.70 8.79 -22.37
N GLU D 326 -38.19 7.64 -22.80
CA GLU D 326 -39.04 6.52 -23.14
C GLU D 326 -39.82 6.08 -21.91
N PHE D 327 -39.14 6.03 -20.77
CA PHE D 327 -39.82 5.64 -19.56
C PHE D 327 -40.96 6.63 -19.27
N LEU D 328 -40.66 7.92 -19.38
CA LEU D 328 -41.68 8.93 -19.12
C LEU D 328 -42.86 8.81 -20.08
N LYS D 329 -42.61 8.31 -21.28
CA LYS D 329 -43.69 8.13 -22.24
C LYS D 329 -44.66 7.08 -21.69
N VAL D 330 -44.09 5.97 -21.21
CA VAL D 330 -44.88 4.90 -20.64
C VAL D 330 -45.57 5.42 -19.38
N TYR D 331 -44.82 6.14 -18.54
CA TYR D 331 -45.37 6.70 -17.31
C TYR D 331 -46.61 7.53 -17.62
N GLU D 332 -46.48 8.42 -18.60
CA GLU D 332 -47.56 9.30 -19.02
C GLU D 332 -48.79 8.49 -19.45
N LYS D 333 -48.54 7.43 -20.21
CA LYS D 333 -49.60 6.57 -20.70
C LYS D 333 -50.46 6.02 -19.56
N HIS D 334 -49.86 5.91 -18.38
CA HIS D 334 -50.56 5.40 -17.21
C HIS D 334 -51.00 6.51 -16.26
N SER D 335 -51.03 7.75 -16.73
CA SER D 335 -51.42 8.90 -15.91
C SER D 335 -52.62 9.64 -16.51
#